data_1F5P
#
_entry.id   1F5P
#
_cell.length_a   82.5
_cell.length_b   96.2
_cell.length_c   145.1
_cell.angle_alpha   90
_cell.angle_beta   90
_cell.angle_gamma   90
#
_symmetry.space_group_name_H-M   'P 21 21 21'
#
loop_
_entity.id
_entity.type
_entity.pdbx_description
1 polymer 'HEMOGLOBIN V'
2 non-polymer 'PROTOPORPHYRIN IX CONTAINING FE'
3 non-polymer 'CARBON MONOXIDE'
4 water water
#
_entity_poly.entity_id   1
_entity_poly.type   'polypeptide(L)'
_entity_poly.pdbx_seq_one_letter_code
;PIVDTGSVAPLSAAEKTKIRSAWAPVYSTYETSGVDILVKFFTSTPAAQEFFPKFKGLTTADQLKKSADVRWHAERIINA
VNDAVASMDDTEKMSMKLRDLSGKHAKSFQVDPQYFKVLAAVIADTVAAGDAGFEKLMSMICILLRSAY
;
_entity_poly.pdbx_strand_id   A,B,C,D,E,F
#
# COMPACT_ATOMS: atom_id res chain seq x y z
N PRO A 1 16.49 -10.96 -1.42
CA PRO A 1 16.46 -9.88 -2.41
C PRO A 1 17.05 -10.34 -3.75
N ILE A 2 17.19 -9.42 -4.69
CA ILE A 2 17.73 -9.73 -6.01
C ILE A 2 19.24 -9.53 -6.09
N VAL A 3 19.95 -10.56 -6.52
CA VAL A 3 21.39 -10.49 -6.65
C VAL A 3 21.83 -10.56 -8.10
N ASP A 4 23.01 -10.03 -8.39
CA ASP A 4 23.53 -10.03 -9.75
C ASP A 4 24.96 -10.56 -9.80
N THR A 5 25.32 -11.33 -8.77
CA THR A 5 26.66 -11.91 -8.68
C THR A 5 26.62 -13.32 -8.10
N GLY A 6 27.68 -14.07 -8.35
CA GLY A 6 27.76 -15.42 -7.83
C GLY A 6 26.83 -16.42 -8.47
N SER A 7 26.01 -17.07 -7.63
CA SER A 7 25.09 -18.08 -8.12
C SER A 7 23.83 -18.19 -7.26
N VAL A 8 22.79 -18.82 -7.81
CA VAL A 8 21.53 -19.02 -7.11
C VAL A 8 21.04 -20.44 -7.38
N ALA A 9 20.39 -21.04 -6.38
CA ALA A 9 19.89 -22.40 -6.50
C ALA A 9 18.89 -22.51 -7.61
N PRO A 10 18.80 -23.69 -8.21
CA PRO A 10 17.87 -23.97 -9.31
C PRO A 10 16.42 -23.66 -8.91
N LEU A 11 15.59 -23.33 -9.89
CA LEU A 11 14.19 -23.06 -9.61
C LEU A 11 13.46 -24.37 -9.37
N SER A 12 12.62 -24.42 -8.34
CA SER A 12 11.86 -25.62 -8.04
C SER A 12 10.56 -25.66 -8.84
N ALA A 13 10.06 -26.85 -9.13
CA ALA A 13 8.81 -26.99 -9.88
C ALA A 13 7.72 -26.11 -9.27
N ALA A 14 7.71 -26.02 -7.94
CA ALA A 14 6.71 -25.20 -7.25
C ALA A 14 6.88 -23.73 -7.62
N GLU A 15 8.11 -23.23 -7.54
CA GLU A 15 8.42 -21.84 -7.87
C GLU A 15 8.07 -21.53 -9.32
N LYS A 16 8.47 -22.40 -10.24
CA LYS A 16 8.18 -22.17 -11.66
C LYS A 16 6.69 -21.94 -11.90
N THR A 17 5.87 -22.81 -11.30
CA THR A 17 4.43 -22.71 -11.43
C THR A 17 3.91 -21.37 -10.91
N LYS A 18 4.40 -20.93 -9.76
CA LYS A 18 3.96 -19.65 -9.19
C LYS A 18 4.28 -18.53 -10.19
N ILE A 19 5.49 -18.58 -10.73
CA ILE A 19 5.95 -17.58 -11.69
C ILE A 19 5.06 -17.53 -12.92
N ARG A 20 4.84 -18.66 -13.57
CA ARG A 20 4.02 -18.69 -14.75
C ARG A 20 2.67 -18.02 -14.49
N SER A 21 2.10 -18.25 -13.31
CA SER A 21 0.81 -17.68 -12.94
C SER A 21 0.90 -16.18 -12.77
N ALA A 22 1.82 -15.74 -11.92
CA ALA A 22 1.97 -14.32 -11.67
C ALA A 22 2.30 -13.58 -12.95
N TRP A 23 2.99 -14.27 -13.86
CA TRP A 23 3.40 -13.66 -15.11
C TRP A 23 2.30 -13.51 -16.15
N ALA A 24 1.68 -14.63 -16.52
CA ALA A 24 0.62 -14.65 -17.53
C ALA A 24 -0.23 -13.39 -17.65
N PRO A 25 -0.81 -12.91 -16.54
CA PRO A 25 -1.64 -11.70 -16.58
C PRO A 25 -0.86 -10.48 -17.08
N VAL A 26 0.34 -10.30 -16.54
CA VAL A 26 1.20 -9.18 -16.93
C VAL A 26 1.57 -9.19 -18.41
N TYR A 27 1.95 -10.35 -18.95
CA TYR A 27 2.31 -10.41 -20.35
C TYR A 27 1.10 -10.20 -21.26
N SER A 28 -0.08 -10.65 -20.82
CA SER A 28 -1.30 -10.51 -21.59
C SER A 28 -1.49 -9.07 -22.05
N THR A 29 -0.81 -8.15 -21.39
CA THR A 29 -0.88 -6.73 -21.71
C THR A 29 0.51 -6.10 -21.51
N TYR A 30 1.53 -6.75 -22.04
CA TYR A 30 2.90 -6.27 -21.90
C TYR A 30 3.12 -4.88 -22.44
N GLU A 31 2.25 -4.49 -23.36
CA GLU A 31 2.30 -3.18 -23.99
C GLU A 31 2.26 -2.13 -22.88
N THR A 32 1.25 -2.26 -22.02
CA THR A 32 1.05 -1.34 -20.91
C THR A 32 2.05 -1.63 -19.82
N SER A 33 1.99 -2.85 -19.27
CA SER A 33 2.88 -3.29 -18.22
C SER A 33 4.30 -2.78 -18.47
N GLY A 34 4.82 -3.12 -19.64
CA GLY A 34 6.17 -2.73 -20.00
C GLY A 34 6.42 -1.26 -19.86
N VAL A 35 5.53 -0.44 -20.39
CA VAL A 35 5.70 1.00 -20.32
C VAL A 35 5.72 1.53 -18.88
N ASP A 36 4.76 1.10 -18.07
CA ASP A 36 4.70 1.54 -16.67
C ASP A 36 6.00 1.23 -15.95
N ILE A 37 6.42 -0.03 -16.02
CA ILE A 37 7.65 -0.45 -15.37
C ILE A 37 8.84 0.43 -15.77
N LEU A 38 9.06 0.55 -17.08
CA LEU A 38 10.17 1.35 -17.57
C LEU A 38 10.05 2.80 -17.12
N VAL A 39 8.84 3.35 -17.17
CA VAL A 39 8.63 4.73 -16.77
C VAL A 39 8.90 4.90 -15.28
N LYS A 40 8.52 3.91 -14.50
CA LYS A 40 8.73 3.94 -13.05
C LYS A 40 10.22 3.94 -12.77
N PHE A 41 10.93 2.96 -13.33
CA PHE A 41 12.36 2.83 -13.16
C PHE A 41 13.10 4.11 -13.55
N PHE A 42 12.80 4.61 -14.74
CA PHE A 42 13.45 5.79 -15.28
C PHE A 42 13.22 7.06 -14.45
N THR A 43 11.98 7.35 -14.11
CA THR A 43 11.67 8.54 -13.33
C THR A 43 12.25 8.55 -11.93
N SER A 44 12.35 7.38 -11.31
CA SER A 44 12.89 7.31 -9.96
C SER A 44 14.37 6.99 -9.84
N THR A 45 15.07 6.77 -10.95
CA THR A 45 16.49 6.47 -10.90
C THR A 45 17.23 7.35 -11.90
N PRO A 46 17.36 8.63 -11.59
CA PRO A 46 18.02 9.63 -12.42
C PRO A 46 19.41 9.22 -12.89
N ALA A 47 20.20 8.71 -11.96
CA ALA A 47 21.58 8.29 -12.23
C ALA A 47 21.73 7.44 -13.47
N ALA A 48 20.69 6.71 -13.85
CA ALA A 48 20.74 5.84 -15.02
C ALA A 48 20.03 6.43 -16.23
N GLN A 49 19.43 7.60 -16.06
CA GLN A 49 18.71 8.23 -17.16
C GLN A 49 19.60 8.60 -18.34
N GLU A 50 20.85 8.94 -18.06
CA GLU A 50 21.77 9.31 -19.12
C GLU A 50 22.14 8.18 -20.06
N PHE A 51 21.75 6.95 -19.72
CA PHE A 51 22.07 5.81 -20.57
C PHE A 51 21.04 5.52 -21.64
N PHE A 52 19.94 6.26 -21.63
CA PHE A 52 18.91 6.12 -22.64
C PHE A 52 18.96 7.38 -23.50
N PRO A 53 19.91 7.44 -24.46
CA PRO A 53 20.10 8.58 -25.36
C PRO A 53 18.83 9.02 -26.09
N LYS A 54 18.01 8.06 -26.49
CA LYS A 54 16.78 8.37 -27.22
C LYS A 54 15.71 9.04 -26.38
N PHE A 55 15.90 9.05 -25.07
CA PHE A 55 14.91 9.66 -24.20
C PHE A 55 15.31 11.06 -23.79
N LYS A 56 16.42 11.57 -24.33
CA LYS A 56 16.86 12.92 -23.98
C LYS A 56 15.75 13.93 -24.23
N GLY A 57 15.51 14.78 -23.23
CA GLY A 57 14.46 15.76 -23.34
C GLY A 57 13.20 15.35 -22.60
N LEU A 58 12.96 14.05 -22.52
CA LEU A 58 11.79 13.52 -21.82
C LEU A 58 12.06 13.49 -20.32
N THR A 59 11.30 14.27 -19.55
CA THR A 59 11.48 14.32 -18.10
C THR A 59 10.24 13.89 -17.31
N THR A 60 9.07 14.34 -17.73
CA THR A 60 7.83 13.98 -17.05
C THR A 60 7.42 12.57 -17.42
N ALA A 61 6.72 11.91 -16.50
CA ALA A 61 6.25 10.54 -16.75
C ALA A 61 5.10 10.58 -17.75
N ASP A 62 4.69 11.79 -18.08
CA ASP A 62 3.61 11.99 -19.03
C ASP A 62 4.14 11.90 -20.45
N GLN A 63 5.24 12.61 -20.71
CA GLN A 63 5.86 12.62 -22.03
C GLN A 63 6.29 11.21 -22.39
N LEU A 64 7.04 10.59 -21.48
CA LEU A 64 7.56 9.25 -21.69
C LEU A 64 6.51 8.27 -22.20
N LYS A 65 5.40 8.15 -21.49
CA LYS A 65 4.36 7.22 -21.90
C LYS A 65 3.77 7.51 -23.28
N LYS A 66 4.12 8.67 -23.84
CA LYS A 66 3.60 9.05 -25.14
C LYS A 66 4.64 8.88 -26.26
N SER A 67 5.90 8.67 -25.88
CA SER A 67 6.98 8.49 -26.84
C SER A 67 7.01 7.07 -27.40
N ALA A 68 7.10 6.95 -28.72
CA ALA A 68 7.14 5.63 -29.35
C ALA A 68 8.47 4.96 -29.05
N ASP A 69 9.49 5.76 -28.78
CA ASP A 69 10.80 5.22 -28.47
C ASP A 69 10.81 4.56 -27.10
N VAL A 70 10.06 5.14 -26.17
CA VAL A 70 9.97 4.58 -24.83
C VAL A 70 9.20 3.26 -24.91
N ARG A 71 8.12 3.26 -25.68
CA ARG A 71 7.31 2.06 -25.83
C ARG A 71 8.05 0.88 -26.45
N TRP A 72 8.79 1.15 -27.52
CA TRP A 72 9.56 0.10 -28.21
C TRP A 72 10.55 -0.52 -27.24
N HIS A 73 11.32 0.35 -26.59
CA HIS A 73 12.33 -0.05 -25.62
C HIS A 73 11.69 -0.88 -24.50
N ALA A 74 10.58 -0.37 -23.97
CA ALA A 74 9.88 -1.07 -22.91
C ALA A 74 9.32 -2.40 -23.38
N GLU A 75 8.87 -2.45 -24.63
CA GLU A 75 8.32 -3.69 -25.18
C GLU A 75 9.38 -4.77 -25.35
N ARG A 76 10.59 -4.36 -25.71
CA ARG A 76 11.69 -5.32 -25.87
C ARG A 76 12.12 -5.89 -24.52
N ILE A 77 12.28 -5.03 -23.52
CA ILE A 77 12.68 -5.49 -22.19
C ILE A 77 11.68 -6.53 -21.69
N ILE A 78 10.41 -6.13 -21.64
CA ILE A 78 9.34 -7.01 -21.17
C ILE A 78 9.29 -8.39 -21.86
N ASN A 79 9.68 -8.44 -23.13
CA ASN A 79 9.67 -9.71 -23.86
C ASN A 79 10.91 -10.54 -23.58
N ALA A 80 12.02 -9.88 -23.27
CA ALA A 80 13.24 -10.60 -22.98
C ALA A 80 12.99 -11.40 -21.72
N VAL A 81 12.26 -10.79 -20.79
CA VAL A 81 11.92 -11.46 -19.55
C VAL A 81 10.96 -12.58 -19.90
N ASN A 82 9.97 -12.29 -20.73
CA ASN A 82 9.01 -13.32 -21.13
C ASN A 82 9.73 -14.52 -21.75
N ASP A 83 10.81 -14.26 -22.49
CA ASP A 83 11.57 -15.34 -23.10
C ASP A 83 12.17 -16.21 -22.01
N ALA A 84 12.73 -15.56 -20.99
CA ALA A 84 13.33 -16.27 -19.88
C ALA A 84 12.27 -17.16 -19.24
N VAL A 85 11.15 -16.56 -18.85
CA VAL A 85 10.07 -17.29 -18.23
C VAL A 85 9.71 -18.54 -19.02
N ALA A 86 9.72 -18.40 -20.33
CA ALA A 86 9.38 -19.52 -21.19
C ALA A 86 10.48 -20.57 -21.25
N SER A 87 11.70 -20.19 -20.86
CA SER A 87 12.83 -21.13 -20.87
C SER A 87 13.19 -21.68 -19.51
N MET A 88 12.38 -21.40 -18.48
CA MET A 88 12.70 -21.89 -17.14
C MET A 88 13.02 -23.39 -17.10
N ASP A 89 12.50 -24.14 -18.07
CA ASP A 89 12.73 -25.58 -18.13
C ASP A 89 13.96 -25.95 -18.92
N ASP A 90 14.43 -25.03 -19.75
CA ASP A 90 15.63 -25.25 -20.55
C ASP A 90 16.65 -24.18 -20.18
N THR A 91 17.28 -24.39 -19.03
CA THR A 91 18.27 -23.46 -18.49
C THR A 91 19.38 -23.20 -19.51
N GLU A 92 19.59 -24.15 -20.42
CA GLU A 92 20.60 -24.06 -21.48
C GLU A 92 20.28 -22.91 -22.42
N LYS A 93 19.07 -22.92 -22.95
CA LYS A 93 18.61 -21.89 -23.88
C LYS A 93 18.57 -20.53 -23.20
N MET A 94 18.03 -20.47 -21.99
CA MET A 94 17.94 -19.21 -21.27
C MET A 94 19.29 -18.50 -21.18
N SER A 95 20.35 -19.27 -20.95
CA SER A 95 21.69 -18.71 -20.87
C SER A 95 22.13 -18.08 -22.19
N MET A 96 22.14 -18.88 -23.25
CA MET A 96 22.56 -18.39 -24.55
C MET A 96 21.93 -17.06 -24.90
N LYS A 97 20.62 -16.97 -24.75
CA LYS A 97 19.89 -15.75 -25.06
C LYS A 97 20.42 -14.58 -24.23
N LEU A 98 20.38 -14.71 -22.91
CA LEU A 98 20.85 -13.63 -22.05
C LEU A 98 22.32 -13.29 -22.17
N ARG A 99 23.17 -14.30 -22.36
CA ARG A 99 24.61 -14.04 -22.48
C ARG A 99 24.84 -13.19 -23.72
N ASP A 100 24.00 -13.39 -24.73
CA ASP A 100 24.10 -12.63 -25.96
C ASP A 100 23.67 -11.20 -25.66
N LEU A 101 22.59 -11.10 -24.89
CA LEU A 101 22.01 -9.82 -24.50
C LEU A 101 22.99 -9.06 -23.64
N SER A 102 23.74 -9.78 -22.82
CA SER A 102 24.73 -9.17 -21.95
C SER A 102 25.76 -8.48 -22.80
N GLY A 103 26.23 -9.18 -23.83
CA GLY A 103 27.23 -8.63 -24.73
C GLY A 103 26.78 -7.33 -25.37
N LYS A 104 25.56 -7.29 -25.89
CA LYS A 104 25.06 -6.08 -26.51
C LYS A 104 25.08 -4.89 -25.54
N HIS A 105 24.69 -5.12 -24.29
CA HIS A 105 24.69 -4.03 -23.33
C HIS A 105 26.09 -3.51 -23.00
N ALA A 106 27.03 -4.42 -22.87
CA ALA A 106 28.39 -4.04 -22.52
C ALA A 106 29.18 -3.44 -23.68
N LYS A 107 29.06 -4.01 -24.86
CA LYS A 107 29.83 -3.53 -26.00
C LYS A 107 29.21 -2.45 -26.87
N SER A 108 27.90 -2.49 -27.06
CA SER A 108 27.24 -1.54 -27.92
C SER A 108 26.52 -0.41 -27.21
N PHE A 109 25.71 -0.75 -26.22
CA PHE A 109 24.95 0.25 -25.46
C PHE A 109 25.77 0.87 -24.34
N GLN A 110 26.85 0.20 -23.94
CA GLN A 110 27.72 0.71 -22.90
C GLN A 110 26.99 1.15 -21.65
N VAL A 111 26.06 0.33 -21.17
CA VAL A 111 25.33 0.71 -19.96
C VAL A 111 26.01 0.22 -18.70
N ASP A 112 25.89 1.00 -17.63
CA ASP A 112 26.47 0.66 -16.35
C ASP A 112 25.73 -0.61 -15.88
N PRO A 113 26.47 -1.71 -15.62
CA PRO A 113 25.89 -2.97 -15.17
C PRO A 113 25.22 -2.96 -13.81
N GLN A 114 25.37 -1.88 -13.07
CA GLN A 114 24.77 -1.81 -11.74
C GLN A 114 23.25 -1.64 -11.75
N TYR A 115 22.68 -1.15 -12.85
CA TYR A 115 21.24 -0.94 -12.88
C TYR A 115 20.41 -2.16 -13.25
N PHE A 116 21.06 -3.22 -13.69
CA PHE A 116 20.32 -4.41 -14.06
C PHE A 116 19.44 -4.87 -12.90
N LYS A 117 20.01 -4.94 -11.70
CA LYS A 117 19.23 -5.37 -10.55
C LYS A 117 18.24 -4.33 -10.06
N VAL A 118 18.50 -3.05 -10.34
CA VAL A 118 17.58 -1.99 -9.94
C VAL A 118 16.30 -2.09 -10.75
N LEU A 119 16.43 -2.25 -12.06
CA LEU A 119 15.26 -2.37 -12.92
C LEU A 119 14.58 -3.72 -12.68
N ALA A 120 15.39 -4.74 -12.40
CA ALA A 120 14.85 -6.07 -12.15
C ALA A 120 13.96 -6.02 -10.92
N ALA A 121 14.34 -5.17 -9.99
CA ALA A 121 13.58 -5.00 -8.75
C ALA A 121 12.18 -4.45 -9.03
N VAL A 122 12.08 -3.50 -9.95
CA VAL A 122 10.80 -2.91 -10.30
C VAL A 122 9.94 -3.94 -11.01
N ILE A 123 10.55 -4.71 -11.91
CA ILE A 123 9.80 -5.73 -12.63
C ILE A 123 9.21 -6.72 -11.63
N ALA A 124 10.03 -7.11 -10.65
CA ALA A 124 9.60 -8.06 -9.62
C ALA A 124 8.51 -7.49 -8.73
N ASP A 125 8.72 -6.24 -8.30
CA ASP A 125 7.77 -5.58 -7.43
C ASP A 125 6.43 -5.39 -8.10
N THR A 126 6.44 -5.33 -9.43
CA THR A 126 5.21 -5.14 -10.19
C THR A 126 4.51 -6.45 -10.55
N VAL A 127 5.28 -7.46 -10.97
CA VAL A 127 4.70 -8.73 -11.36
C VAL A 127 4.28 -9.62 -10.21
N ALA A 128 5.05 -9.58 -9.13
CA ALA A 128 4.74 -10.40 -7.97
C ALA A 128 5.48 -9.92 -6.74
N ALA A 129 5.16 -8.71 -6.31
CA ALA A 129 5.79 -8.12 -5.14
C ALA A 129 5.80 -9.11 -3.99
N GLY A 130 6.99 -9.43 -3.49
CA GLY A 130 7.10 -10.37 -2.39
C GLY A 130 7.54 -11.79 -2.72
N ASP A 131 7.15 -12.34 -3.87
CA ASP A 131 7.55 -13.70 -4.19
C ASP A 131 9.06 -13.88 -4.29
N ALA A 132 9.61 -14.80 -3.51
CA ALA A 132 11.03 -15.07 -3.51
C ALA A 132 11.42 -15.89 -4.72
N GLY A 133 10.50 -16.73 -5.20
CA GLY A 133 10.78 -17.55 -6.36
C GLY A 133 11.02 -16.68 -7.58
N PHE A 134 10.20 -15.64 -7.71
CA PHE A 134 10.34 -14.72 -8.83
C PHE A 134 11.63 -13.91 -8.68
N GLU A 135 12.07 -13.69 -7.45
CA GLU A 135 13.30 -12.96 -7.19
C GLU A 135 14.49 -13.77 -7.67
N LYS A 136 14.36 -15.10 -7.66
CA LYS A 136 15.44 -15.97 -8.11
C LYS A 136 15.61 -15.79 -9.59
N LEU A 137 14.50 -15.88 -10.32
CA LEU A 137 14.54 -15.71 -11.76
C LEU A 137 15.23 -14.40 -12.09
N MET A 138 14.79 -13.30 -11.48
CA MET A 138 15.41 -12.00 -11.74
C MET A 138 16.89 -11.97 -11.40
N SER A 139 17.29 -12.77 -10.42
CA SER A 139 18.70 -12.84 -10.03
C SER A 139 19.51 -13.57 -11.08
N MET A 140 18.95 -14.65 -11.61
CA MET A 140 19.63 -15.40 -12.65
C MET A 140 19.80 -14.48 -13.85
N ILE A 141 18.72 -13.81 -14.24
CA ILE A 141 18.75 -12.89 -15.37
C ILE A 141 19.81 -11.82 -15.13
N CYS A 142 19.85 -11.24 -13.95
CA CYS A 142 20.84 -10.22 -13.66
C CYS A 142 22.26 -10.76 -13.70
N ILE A 143 22.47 -11.91 -13.07
CA ILE A 143 23.79 -12.52 -13.05
C ILE A 143 24.28 -12.76 -14.48
N LEU A 144 23.39 -13.21 -15.35
CA LEU A 144 23.75 -13.47 -16.73
C LEU A 144 23.96 -12.20 -17.56
N LEU A 145 23.17 -11.16 -17.29
CA LEU A 145 23.32 -9.93 -18.04
C LEU A 145 24.65 -9.25 -17.72
N ARG A 146 25.31 -9.69 -16.66
CA ARG A 146 26.57 -9.10 -16.28
C ARG A 146 27.75 -9.96 -16.70
N SER A 147 27.45 -11.16 -17.21
CA SER A 147 28.50 -12.09 -17.61
C SER A 147 29.44 -11.55 -18.67
N ALA A 148 28.96 -10.66 -19.53
CA ALA A 148 29.81 -10.10 -20.58
C ALA A 148 30.72 -8.97 -20.11
N TYR A 149 30.36 -8.34 -19.00
CA TYR A 149 31.19 -7.26 -18.46
C TYR A 149 32.39 -7.87 -17.74
N PRO B 1 6.58 -1.80 -59.47
CA PRO B 1 6.18 -2.70 -58.35
C PRO B 1 7.38 -3.03 -57.46
N ILE B 2 7.17 -3.93 -56.51
CA ILE B 2 8.22 -4.33 -55.58
C ILE B 2 8.99 -5.56 -56.07
N VAL B 3 10.31 -5.43 -56.13
CA VAL B 3 11.16 -6.54 -56.59
C VAL B 3 12.03 -7.05 -55.45
N ASP B 4 12.43 -8.31 -55.56
CA ASP B 4 13.27 -8.92 -54.54
C ASP B 4 14.52 -9.58 -55.13
N THR B 5 14.87 -9.15 -56.35
CA THR B 5 16.03 -9.67 -57.05
C THR B 5 16.77 -8.59 -57.81
N GLY B 6 18.04 -8.87 -58.11
CA GLY B 6 18.84 -7.91 -58.86
C GLY B 6 19.25 -6.66 -58.11
N SER B 7 18.91 -5.51 -58.67
CA SER B 7 19.27 -4.24 -58.06
C SER B 7 18.27 -3.12 -58.34
N VAL B 8 18.36 -2.05 -57.57
CA VAL B 8 17.50 -0.89 -57.75
C VAL B 8 18.32 0.38 -57.59
N ALA B 9 17.95 1.42 -58.32
CA ALA B 9 18.67 2.69 -58.25
C ALA B 9 18.62 3.30 -56.85
N PRO B 10 19.64 4.08 -56.49
CA PRO B 10 19.72 4.72 -55.18
C PRO B 10 18.50 5.62 -54.92
N LEU B 11 18.17 5.80 -53.65
CA LEU B 11 17.05 6.66 -53.31
C LEU B 11 17.48 8.12 -53.46
N SER B 12 16.61 8.93 -54.04
CA SER B 12 16.91 10.34 -54.24
C SER B 12 16.48 11.12 -53.02
N ALA B 13 17.15 12.24 -52.77
CA ALA B 13 16.83 13.10 -51.63
C ALA B 13 15.33 13.39 -51.59
N ALA B 14 14.73 13.56 -52.76
CA ALA B 14 13.30 13.83 -52.85
C ALA B 14 12.49 12.65 -52.32
N GLU B 15 12.81 11.44 -52.79
CA GLU B 15 12.12 10.22 -52.37
C GLU B 15 12.26 9.99 -50.87
N LYS B 16 13.48 10.14 -50.35
CA LYS B 16 13.72 9.95 -48.93
C LYS B 16 12.79 10.82 -48.08
N THR B 17 12.68 12.09 -48.46
CA THR B 17 11.82 13.03 -47.75
C THR B 17 10.35 12.59 -47.78
N LYS B 18 9.88 12.11 -48.93
CA LYS B 18 8.49 11.66 -49.05
C LYS B 18 8.27 10.51 -48.10
N ILE B 19 9.26 9.62 -48.06
CA ILE B 19 9.21 8.43 -47.22
C ILE B 19 9.11 8.78 -45.75
N ARG B 20 10.04 9.63 -45.28
CA ARG B 20 10.04 10.03 -43.90
C ARG B 20 8.68 10.58 -43.47
N SER B 21 8.05 11.34 -44.36
CA SER B 21 6.74 11.92 -44.09
C SER B 21 5.65 10.86 -44.02
N ALA B 22 5.55 10.05 -45.05
CA ALA B 22 4.53 9.00 -45.11
C ALA B 22 4.69 8.00 -43.95
N TRP B 23 5.92 7.84 -43.50
CA TRP B 23 6.23 6.91 -42.42
C TRP B 23 5.89 7.43 -41.02
N ALA B 24 6.46 8.57 -40.66
CA ALA B 24 6.27 9.18 -39.33
C ALA B 24 4.92 8.91 -38.66
N PRO B 25 3.81 9.17 -39.34
CA PRO B 25 2.48 8.93 -38.76
C PRO B 25 2.28 7.47 -38.42
N VAL B 26 2.65 6.59 -39.36
CA VAL B 26 2.51 5.16 -39.16
C VAL B 26 3.31 4.67 -37.95
N TYR B 27 4.57 5.07 -37.84
CA TYR B 27 5.36 4.62 -36.72
C TYR B 27 4.86 5.16 -35.39
N SER B 28 4.32 6.37 -35.40
CA SER B 28 3.80 7.00 -34.18
C SER B 28 2.85 6.09 -33.44
N THR B 29 2.33 5.09 -34.16
CA THR B 29 1.40 4.12 -33.58
C THR B 29 1.69 2.74 -34.19
N TYR B 30 2.98 2.38 -34.22
CA TYR B 30 3.38 1.10 -34.81
C TYR B 30 2.73 -0.09 -34.14
N GLU B 31 2.32 0.10 -32.90
CA GLU B 31 1.65 -0.93 -32.12
C GLU B 31 0.45 -1.42 -32.92
N THR B 32 -0.38 -0.48 -33.34
CA THR B 32 -1.59 -0.77 -34.10
C THR B 32 -1.24 -1.10 -35.55
N SER B 33 -0.61 -0.14 -36.22
CA SER B 33 -0.20 -0.29 -37.61
C SER B 33 0.36 -1.70 -37.85
N GLY B 34 1.40 -2.03 -37.10
CA GLY B 34 2.01 -3.33 -37.24
C GLY B 34 1.04 -4.50 -37.20
N VAL B 35 0.16 -4.51 -36.19
CA VAL B 35 -0.78 -5.61 -36.05
C VAL B 35 -1.70 -5.72 -37.26
N ASP B 36 -2.27 -4.59 -37.69
CA ASP B 36 -3.17 -4.60 -38.85
C ASP B 36 -2.48 -5.18 -40.06
N ILE B 37 -1.32 -4.64 -40.40
CA ILE B 37 -0.56 -5.12 -41.54
C ILE B 37 -0.33 -6.62 -41.49
N LEU B 38 0.22 -7.10 -40.38
CA LEU B 38 0.50 -8.52 -40.22
C LEU B 38 -0.78 -9.36 -40.31
N VAL B 39 -1.85 -8.88 -39.70
CA VAL B 39 -3.13 -9.60 -39.71
C VAL B 39 -3.67 -9.68 -41.15
N LYS B 40 -3.53 -8.57 -41.88
CA LYS B 40 -3.99 -8.49 -43.26
C LYS B 40 -3.22 -9.52 -44.11
N PHE B 41 -1.89 -9.43 -44.05
CA PHE B 41 -1.03 -10.34 -44.79
C PHE B 41 -1.34 -11.79 -44.50
N PHE B 42 -1.40 -12.13 -43.21
CA PHE B 42 -1.66 -13.49 -42.77
C PHE B 42 -3.00 -14.05 -43.22
N THR B 43 -4.07 -13.29 -42.98
CA THR B 43 -5.42 -13.74 -43.34
C THR B 43 -5.64 -13.93 -44.84
N SER B 44 -4.98 -13.12 -45.65
CA SER B 44 -5.15 -13.20 -47.09
C SER B 44 -4.10 -14.01 -47.84
N THR B 45 -3.11 -14.55 -47.12
CA THR B 45 -2.08 -15.33 -47.80
C THR B 45 -1.88 -16.62 -47.04
N PRO B 46 -2.84 -17.54 -47.14
CA PRO B 46 -2.84 -18.85 -46.47
C PRO B 46 -1.56 -19.64 -46.68
N ALA B 47 -1.09 -19.68 -47.91
CA ALA B 47 0.12 -20.42 -48.27
C ALA B 47 1.31 -20.18 -47.34
N ALA B 48 1.36 -19.00 -46.73
CA ALA B 48 2.47 -18.64 -45.83
C ALA B 48 2.12 -18.76 -44.36
N GLN B 49 0.87 -19.10 -44.06
CA GLN B 49 0.42 -19.22 -42.69
C GLN B 49 1.15 -20.31 -41.91
N GLU B 50 1.52 -21.39 -42.58
CA GLU B 50 2.22 -22.48 -41.92
C GLU B 50 3.63 -22.13 -41.45
N PHE B 51 4.11 -20.95 -41.80
CA PHE B 51 5.46 -20.55 -41.37
C PHE B 51 5.48 -19.82 -40.06
N PHE B 52 4.30 -19.55 -39.50
CA PHE B 52 4.20 -18.89 -38.21
C PHE B 52 3.67 -19.93 -37.23
N PRO B 53 4.56 -20.79 -36.70
CA PRO B 53 4.23 -21.86 -35.75
C PRO B 53 3.45 -21.40 -34.52
N LYS B 54 3.81 -20.22 -34.02
CA LYS B 54 3.15 -19.70 -32.82
C LYS B 54 1.73 -19.24 -33.05
N PHE B 55 1.32 -19.14 -34.31
CA PHE B 55 -0.04 -18.71 -34.61
C PHE B 55 -0.96 -19.89 -34.91
N LYS B 56 -0.47 -21.11 -34.73
CA LYS B 56 -1.29 -22.29 -34.98
C LYS B 56 -2.56 -22.24 -34.15
N GLY B 57 -3.70 -22.43 -34.80
CA GLY B 57 -4.97 -22.39 -34.10
C GLY B 57 -5.71 -21.09 -34.36
N LEU B 58 -4.95 -20.02 -34.58
CA LEU B 58 -5.54 -18.71 -34.84
C LEU B 58 -5.93 -18.61 -36.31
N THR B 59 -7.24 -18.49 -36.56
CA THR B 59 -7.75 -18.38 -37.93
C THR B 59 -8.47 -17.07 -38.22
N THR B 60 -9.32 -16.63 -37.29
CA THR B 60 -10.05 -15.38 -37.49
C THR B 60 -9.14 -14.18 -37.26
N ALA B 61 -9.44 -13.08 -37.93
CA ALA B 61 -8.65 -11.86 -37.78
C ALA B 61 -8.95 -11.24 -36.42
N ASP B 62 -9.92 -11.83 -35.74
CA ASP B 62 -10.33 -11.36 -34.43
C ASP B 62 -9.39 -11.93 -33.36
N GLN B 63 -9.16 -13.24 -33.43
CA GLN B 63 -8.28 -13.93 -32.49
C GLN B 63 -6.88 -13.34 -32.57
N LEU B 64 -6.35 -13.29 -33.80
CA LEU B 64 -5.02 -12.77 -34.06
C LEU B 64 -4.75 -11.45 -33.36
N LYS B 65 -5.59 -10.44 -33.59
CA LYS B 65 -5.38 -9.14 -32.98
C LYS B 65 -5.39 -9.17 -31.45
N LYS B 66 -5.78 -10.30 -30.87
CA LYS B 66 -5.84 -10.44 -29.41
C LYS B 66 -4.67 -11.25 -28.84
N SER B 67 -3.93 -11.92 -29.72
CA SER B 67 -2.80 -12.74 -29.32
C SER B 67 -1.55 -11.89 -29.07
N ALA B 68 -0.90 -12.09 -27.93
CA ALA B 68 0.30 -11.33 -27.62
C ALA B 68 1.44 -11.77 -28.53
N ASP B 69 1.36 -12.99 -29.04
CA ASP B 69 2.39 -13.52 -29.94
C ASP B 69 2.33 -12.83 -31.30
N VAL B 70 1.12 -12.54 -31.74
CA VAL B 70 0.93 -11.85 -33.00
C VAL B 70 1.46 -10.43 -32.85
N ARG B 71 1.12 -9.79 -31.74
CA ARG B 71 1.56 -8.41 -31.50
C ARG B 71 3.06 -8.26 -31.44
N TRP B 72 3.72 -9.14 -30.69
CA TRP B 72 5.17 -9.07 -30.56
C TRP B 72 5.80 -9.22 -31.94
N HIS B 73 5.31 -10.22 -32.66
CA HIS B 73 5.79 -10.55 -33.99
C HIS B 73 5.60 -9.40 -34.95
N ALA B 74 4.47 -8.74 -34.83
CA ALA B 74 4.14 -7.61 -35.68
C ALA B 74 4.95 -6.39 -35.30
N GLU B 75 5.22 -6.23 -34.00
CA GLU B 75 5.98 -5.09 -33.53
C GLU B 75 7.45 -5.15 -33.96
N ARG B 76 7.98 -6.37 -34.08
CA ARG B 76 9.36 -6.55 -34.49
C ARG B 76 9.51 -6.23 -35.98
N ILE B 77 8.58 -6.73 -36.79
CA ILE B 77 8.63 -6.47 -38.22
C ILE B 77 8.60 -4.95 -38.46
N ILE B 78 7.55 -4.31 -37.97
CA ILE B 78 7.35 -2.89 -38.10
C ILE B 78 8.58 -2.03 -37.73
N ASN B 79 9.34 -2.46 -36.74
CA ASN B 79 10.54 -1.73 -36.30
C ASN B 79 11.76 -2.00 -37.18
N ALA B 80 11.81 -3.18 -37.77
CA ALA B 80 12.91 -3.54 -38.64
C ALA B 80 12.85 -2.57 -39.80
N VAL B 81 11.63 -2.31 -40.26
CA VAL B 81 11.39 -1.39 -41.37
C VAL B 81 11.76 -0.01 -40.87
N ASN B 82 11.31 0.33 -39.68
CA ASN B 82 11.63 1.64 -39.14
C ASN B 82 13.15 1.85 -39.08
N ASP B 83 13.89 0.78 -38.79
CA ASP B 83 15.33 0.87 -38.72
C ASP B 83 15.89 1.22 -40.08
N ALA B 84 15.31 0.60 -41.11
CA ALA B 84 15.74 0.84 -42.47
C ALA B 84 15.52 2.30 -42.80
N VAL B 85 14.29 2.75 -42.60
CA VAL B 85 13.94 4.14 -42.88
C VAL B 85 14.93 5.10 -42.26
N ALA B 86 15.36 4.79 -41.04
CA ALA B 86 16.30 5.64 -40.33
C ALA B 86 17.70 5.57 -40.89
N SER B 87 17.98 4.52 -41.66
CA SER B 87 19.31 4.33 -42.26
C SER B 87 19.39 4.70 -43.74
N MET B 88 18.31 5.22 -44.30
CA MET B 88 18.32 5.57 -45.72
C MET B 88 19.55 6.37 -46.14
N ASP B 89 20.14 7.09 -45.19
CA ASP B 89 21.31 7.90 -45.50
C ASP B 89 22.60 7.10 -45.35
N ASP B 90 22.56 6.03 -44.57
CA ASP B 90 23.73 5.19 -44.37
C ASP B 90 23.43 3.81 -44.93
N THR B 91 23.50 3.71 -46.26
CA THR B 91 23.22 2.47 -46.97
C THR B 91 24.06 1.32 -46.41
N GLU B 92 25.24 1.67 -45.89
CA GLU B 92 26.15 0.69 -45.31
C GLU B 92 25.52 -0.03 -44.13
N LYS B 93 25.03 0.75 -43.17
CA LYS B 93 24.41 0.22 -41.96
C LYS B 93 23.14 -0.56 -42.29
N MET B 94 22.32 0.00 -43.16
CA MET B 94 21.08 -0.66 -43.55
C MET B 94 21.35 -2.09 -44.03
N SER B 95 22.43 -2.29 -44.77
CA SER B 95 22.78 -3.61 -45.28
C SER B 95 23.11 -4.59 -44.17
N MET B 96 24.09 -4.24 -43.34
CA MET B 96 24.50 -5.12 -42.25
C MET B 96 23.31 -5.64 -41.45
N LYS B 97 22.44 -4.74 -41.05
CA LYS B 97 21.25 -5.10 -40.29
C LYS B 97 20.39 -6.12 -41.03
N LEU B 98 19.96 -5.78 -42.24
CA LEU B 98 19.12 -6.68 -43.02
C LEU B 98 19.79 -7.99 -43.41
N ARG B 99 21.06 -7.95 -43.80
CA ARG B 99 21.77 -9.18 -44.18
C ARG B 99 21.77 -10.15 -43.00
N ASP B 100 21.85 -9.60 -41.80
CA ASP B 100 21.85 -10.41 -40.58
C ASP B 100 20.45 -11.01 -40.43
N LEU B 101 19.45 -10.17 -40.66
CA LEU B 101 18.06 -10.56 -40.56
C LEU B 101 17.76 -11.62 -41.59
N SER B 102 18.38 -11.51 -42.76
CA SER B 102 18.19 -12.48 -43.83
C SER B 102 18.63 -13.85 -43.33
N GLY B 103 19.81 -13.87 -42.73
CA GLY B 103 20.35 -15.11 -42.19
C GLY B 103 19.42 -15.79 -41.21
N LYS B 104 18.88 -15.04 -40.26
CA LYS B 104 17.98 -15.63 -39.29
C LYS B 104 16.77 -16.27 -39.94
N HIS B 105 16.22 -15.64 -40.97
CA HIS B 105 15.06 -16.19 -41.64
C HIS B 105 15.38 -17.47 -42.39
N ALA B 106 16.52 -17.50 -43.05
CA ALA B 106 16.90 -18.66 -43.83
C ALA B 106 17.40 -19.84 -43.01
N LYS B 107 18.19 -19.57 -41.98
CA LYS B 107 18.75 -20.63 -41.16
C LYS B 107 18.01 -21.08 -39.92
N SER B 108 17.31 -20.15 -39.27
CA SER B 108 16.58 -20.51 -38.05
C SER B 108 15.08 -20.65 -38.22
N PHE B 109 14.46 -19.65 -38.86
CA PHE B 109 13.02 -19.66 -39.07
C PHE B 109 12.61 -20.49 -40.29
N GLN B 110 13.56 -20.71 -41.20
CA GLN B 110 13.31 -21.51 -42.40
C GLN B 110 12.08 -21.06 -43.16
N VAL B 111 11.93 -19.77 -43.38
CA VAL B 111 10.77 -19.29 -44.11
C VAL B 111 11.01 -19.22 -45.61
N ASP B 112 9.96 -19.50 -46.38
CA ASP B 112 10.03 -19.43 -47.83
C ASP B 112 10.30 -17.97 -48.19
N PRO B 113 11.41 -17.71 -48.90
CA PRO B 113 11.80 -16.35 -49.32
C PRO B 113 10.86 -15.64 -50.28
N GLN B 114 9.87 -16.35 -50.79
CA GLN B 114 8.95 -15.74 -51.74
C GLN B 114 7.95 -14.79 -51.10
N TYR B 115 7.70 -14.91 -49.80
CA TYR B 115 6.73 -14.02 -49.18
C TYR B 115 7.26 -12.67 -48.72
N PHE B 116 8.56 -12.48 -48.76
CA PHE B 116 9.12 -11.21 -48.34
C PHE B 116 8.48 -10.08 -49.14
N LYS B 117 8.37 -10.23 -50.46
CA LYS B 117 7.78 -9.17 -51.27
C LYS B 117 6.28 -9.09 -51.13
N VAL B 118 5.63 -10.20 -50.78
CA VAL B 118 4.19 -10.18 -50.59
C VAL B 118 3.83 -9.34 -49.37
N LEU B 119 4.54 -9.55 -48.27
CA LEU B 119 4.28 -8.79 -47.05
C LEU B 119 4.75 -7.36 -47.24
N ALA B 120 5.83 -7.19 -47.99
CA ALA B 120 6.38 -5.86 -48.22
C ALA B 120 5.34 -5.04 -48.98
N ALA B 121 4.55 -5.72 -49.80
CA ALA B 121 3.51 -5.09 -50.60
C ALA B 121 2.43 -4.51 -49.70
N VAL B 122 2.04 -5.25 -48.68
CA VAL B 122 1.02 -4.79 -47.76
C VAL B 122 1.53 -3.60 -46.94
N ILE B 123 2.78 -3.66 -46.53
CA ILE B 123 3.35 -2.56 -45.76
C ILE B 123 3.33 -1.30 -46.62
N ALA B 124 3.70 -1.45 -47.89
CA ALA B 124 3.73 -0.30 -48.81
C ALA B 124 2.32 0.23 -49.09
N ASP B 125 1.39 -0.67 -49.35
CA ASP B 125 0.02 -0.31 -49.65
C ASP B 125 -0.62 0.40 -48.46
N THR B 126 -0.17 0.09 -47.25
CA THR B 126 -0.70 0.71 -46.05
C THR B 126 -0.04 2.03 -45.68
N VAL B 127 1.29 2.09 -45.80
CA VAL B 127 2.02 3.30 -45.45
C VAL B 127 1.96 4.41 -46.48
N ALA B 128 1.95 4.03 -47.76
CA ALA B 128 1.90 5.02 -48.83
C ALA B 128 1.51 4.38 -50.15
N ALA B 129 0.28 3.87 -50.18
CA ALA B 129 -0.24 3.22 -51.38
C ALA B 129 0.04 4.09 -52.58
N GLY B 130 0.81 3.54 -53.52
CA GLY B 130 1.10 4.28 -54.72
C GLY B 130 2.47 4.87 -54.85
N ASP B 131 3.09 5.33 -53.76
CA ASP B 131 4.41 5.93 -53.91
C ASP B 131 5.45 4.95 -54.42
N ALA B 132 6.10 5.34 -55.51
CA ALA B 132 7.13 4.52 -56.14
C ALA B 132 8.43 4.57 -55.35
N GLY B 133 8.68 5.72 -54.72
CA GLY B 133 9.89 5.88 -53.91
C GLY B 133 9.90 4.91 -52.74
N PHE B 134 8.74 4.73 -52.12
CA PHE B 134 8.59 3.81 -50.99
C PHE B 134 8.69 2.36 -51.50
N GLU B 135 8.31 2.13 -52.75
CA GLU B 135 8.40 0.80 -53.33
C GLU B 135 9.87 0.44 -53.51
N LYS B 136 10.71 1.43 -53.73
CA LYS B 136 12.14 1.17 -53.88
C LYS B 136 12.71 0.67 -52.56
N LEU B 137 12.42 1.41 -51.50
CA LEU B 137 12.89 1.01 -50.17
C LEU B 137 12.50 -0.44 -49.91
N MET B 138 11.21 -0.76 -50.07
CA MET B 138 10.74 -2.12 -49.85
C MET B 138 11.47 -3.13 -50.73
N SER B 139 11.87 -2.71 -51.93
CA SER B 139 12.57 -3.60 -52.86
C SER B 139 13.97 -3.88 -52.34
N MET B 140 14.62 -2.83 -51.84
CA MET B 140 15.96 -2.97 -51.30
C MET B 140 15.89 -3.92 -50.13
N ILE B 141 14.90 -3.70 -49.27
CA ILE B 141 14.72 -4.53 -48.09
C ILE B 141 14.51 -6.00 -48.51
N CYS B 142 13.66 -6.22 -49.51
CA CYS B 142 13.39 -7.57 -49.97
C CYS B 142 14.61 -8.22 -50.60
N ILE B 143 15.31 -7.47 -51.45
CA ILE B 143 16.50 -8.00 -52.08
C ILE B 143 17.51 -8.44 -51.01
N LEU B 144 17.67 -7.64 -49.97
CA LEU B 144 18.61 -7.94 -48.89
C LEU B 144 18.16 -9.11 -48.00
N LEU B 145 16.86 -9.22 -47.74
CA LEU B 145 16.35 -10.31 -46.91
C LEU B 145 16.51 -11.63 -47.61
N ARG B 146 16.80 -11.60 -48.90
CA ARG B 146 16.97 -12.83 -49.65
C ARG B 146 18.43 -13.16 -49.88
N SER B 147 19.31 -12.21 -49.58
CA SER B 147 20.74 -12.39 -49.77
C SER B 147 21.32 -13.64 -49.10
N ALA B 148 20.75 -14.07 -47.98
CA ALA B 148 21.26 -15.23 -47.26
C ALA B 148 20.81 -16.57 -47.87
N TYR B 149 19.70 -16.54 -48.59
CA TYR B 149 19.21 -17.76 -49.20
C TYR B 149 20.05 -18.09 -50.42
N PRO C 1 -22.85 24.14 -25.78
CA PRO C 1 -22.88 25.26 -24.80
C PRO C 1 -23.47 24.81 -23.45
N ILE C 2 -23.66 25.77 -22.56
CA ILE C 2 -24.20 25.48 -21.23
C ILE C 2 -25.71 25.62 -21.18
N VAL C 3 -26.38 24.56 -20.73
CA VAL C 3 -27.83 24.55 -20.64
C VAL C 3 -28.28 24.53 -19.19
N ASP C 4 -29.49 25.02 -18.94
CA ASP C 4 -30.02 25.04 -17.57
C ASP C 4 -31.42 24.41 -17.51
N THR C 5 -31.75 23.62 -18.52
CA THR C 5 -33.05 22.96 -18.60
C THR C 5 -32.94 21.53 -19.13
N GLY C 6 -33.94 20.71 -18.84
CA GLY C 6 -33.93 19.34 -19.31
C GLY C 6 -32.94 18.41 -18.65
N SER C 7 -32.09 17.78 -19.45
CA SER C 7 -31.12 16.84 -18.93
C SER C 7 -29.84 16.78 -19.76
N VAL C 8 -28.79 16.21 -19.19
CA VAL C 8 -27.50 16.05 -19.86
C VAL C 8 -26.94 14.67 -19.54
N ALA C 9 -26.28 14.05 -20.52
CA ALA C 9 -25.71 12.73 -20.35
C ALA C 9 -24.72 12.71 -19.20
N PRO C 10 -24.54 11.54 -18.59
CA PRO C 10 -23.62 11.38 -17.45
C PRO C 10 -22.18 11.73 -17.84
N LEU C 11 -21.38 12.17 -16.88
CA LEU C 11 -19.98 12.50 -17.15
C LEU C 11 -19.18 11.21 -17.32
N SER C 12 -18.32 11.18 -18.33
CA SER C 12 -17.50 10.00 -18.58
C SER C 12 -16.21 10.07 -17.77
N ALA C 13 -15.65 8.91 -17.46
CA ALA C 13 -14.41 8.84 -16.68
C ALA C 13 -13.37 9.76 -17.28
N ALA C 14 -13.33 9.82 -18.60
CA ALA C 14 -12.38 10.67 -19.31
C ALA C 14 -12.64 12.13 -18.98
N GLU C 15 -13.89 12.56 -19.11
CA GLU C 15 -14.27 13.94 -18.84
C GLU C 15 -13.95 14.35 -17.40
N LYS C 16 -14.31 13.49 -16.46
CA LYS C 16 -14.08 13.77 -15.05
C LYS C 16 -12.61 14.07 -14.80
N THR C 17 -11.74 13.24 -15.37
CA THR C 17 -10.30 13.41 -15.22
C THR C 17 -9.82 14.76 -15.77
N LYS C 18 -10.33 15.15 -16.94
CA LYS C 18 -9.95 16.42 -17.53
C LYS C 18 -10.36 17.54 -16.59
N ILE C 19 -11.57 17.44 -16.08
CA ILE C 19 -12.11 18.44 -15.16
C ILE C 19 -11.24 18.61 -13.90
N ARG C 20 -10.93 17.50 -13.24
CA ARG C 20 -10.11 17.55 -12.03
C ARG C 20 -8.80 18.29 -12.28
N SER C 21 -8.21 18.05 -13.45
CA SER C 21 -6.95 18.70 -13.82
C SER C 21 -7.13 20.19 -14.05
N ALA C 22 -8.05 20.53 -14.94
CA ALA C 22 -8.31 21.93 -15.23
C ALA C 22 -8.72 22.71 -13.99
N TRP C 23 -9.33 22.00 -13.04
CA TRP C 23 -9.81 22.62 -11.81
C TRP C 23 -8.74 22.87 -10.75
N ALA C 24 -8.05 21.80 -10.34
CA ALA C 24 -7.00 21.87 -9.33
C ALA C 24 -6.24 23.19 -9.24
N PRO C 25 -5.64 23.64 -10.36
CA PRO C 25 -4.90 24.91 -10.36
C PRO C 25 -5.75 26.11 -9.94
N VAL C 26 -6.96 26.19 -10.49
CA VAL C 26 -7.88 27.28 -10.16
C VAL C 26 -8.26 27.31 -8.67
N TYR C 27 -8.58 26.15 -8.10
CA TYR C 27 -8.97 26.10 -6.69
C TYR C 27 -7.78 26.41 -5.78
N SER C 28 -6.59 25.99 -6.17
CA SER C 28 -5.38 26.23 -5.39
C SER C 28 -5.28 27.70 -5.00
N THR C 29 -6.00 28.55 -5.71
CA THR C 29 -5.99 29.98 -5.43
C THR C 29 -7.41 30.53 -5.64
N TYR C 30 -8.41 29.83 -5.13
CA TYR C 30 -9.79 30.25 -5.30
C TYR C 30 -10.08 31.65 -4.79
N GLU C 31 -9.24 32.11 -3.87
CA GLU C 31 -9.38 33.44 -3.29
C GLU C 31 -9.37 34.45 -4.42
N THR C 32 -8.37 34.34 -5.28
CA THR C 32 -8.20 35.24 -6.42
C THR C 32 -9.19 34.85 -7.52
N SER C 33 -9.05 33.62 -8.02
CA SER C 33 -9.90 33.09 -9.07
C SER C 33 -11.33 33.53 -8.86
N GLY C 34 -11.87 33.21 -7.69
CA GLY C 34 -13.24 33.55 -7.36
C GLY C 34 -13.57 35.02 -7.55
N VAL C 35 -12.72 35.89 -7.02
CA VAL C 35 -12.97 37.31 -7.15
C VAL C 35 -12.98 37.79 -8.61
N ASP C 36 -12.00 37.36 -9.39
CA ASP C 36 -11.93 37.76 -10.80
C ASP C 36 -13.21 37.36 -11.52
N ILE C 37 -13.56 36.08 -11.43
CA ILE C 37 -14.76 35.59 -12.07
C ILE C 37 -15.99 36.41 -11.71
N LEU C 38 -16.24 36.56 -10.42
CA LEU C 38 -17.40 37.33 -9.99
C LEU C 38 -17.35 38.77 -10.49
N VAL C 39 -16.17 39.38 -10.42
CA VAL C 39 -16.02 40.76 -10.87
C VAL C 39 -16.29 40.88 -12.37
N LYS C 40 -15.86 39.87 -13.12
CA LYS C 40 -16.04 39.85 -14.57
C LYS C 40 -17.53 39.77 -14.88
N PHE C 41 -18.19 38.78 -14.29
CA PHE C 41 -19.62 38.56 -14.47
C PHE C 41 -20.43 39.80 -14.12
N PHE C 42 -20.17 40.37 -12.95
CA PHE C 42 -20.89 41.53 -12.47
C PHE C 42 -20.71 42.77 -13.33
N THR C 43 -19.47 43.10 -13.68
CA THR C 43 -19.20 44.28 -14.48
C THR C 43 -19.76 44.22 -15.89
N SER C 44 -19.81 43.03 -16.47
CA SER C 44 -20.32 42.89 -17.83
C SER C 44 -21.79 42.47 -17.97
N THR C 45 -22.49 42.28 -16.86
CA THR C 45 -23.89 41.88 -16.92
C THR C 45 -24.68 42.75 -15.96
N PRO C 46 -24.87 44.02 -16.32
CA PRO C 46 -25.61 45.02 -15.52
C PRO C 46 -26.99 44.57 -15.06
N ALA C 47 -27.73 43.96 -15.98
CA ALA C 47 -29.07 43.47 -15.70
C ALA C 47 -29.20 42.65 -14.41
N ALA C 48 -28.11 41.99 -14.01
CA ALA C 48 -28.15 41.16 -12.81
C ALA C 48 -27.50 41.83 -11.61
N GLN C 49 -26.95 43.03 -11.81
CA GLN C 49 -26.29 43.74 -10.73
C GLN C 49 -27.22 44.09 -9.58
N GLU C 50 -28.48 44.38 -9.88
CA GLU C 50 -29.44 44.74 -8.85
C GLU C 50 -29.77 43.62 -7.87
N PHE C 51 -29.29 42.40 -8.15
CA PHE C 51 -29.58 41.27 -7.27
C PHE C 51 -28.56 41.08 -6.17
N PHE C 52 -27.49 41.87 -6.20
CA PHE C 52 -26.45 41.82 -5.18
C PHE C 52 -26.57 43.10 -4.37
N PRO C 53 -27.53 43.15 -3.42
CA PRO C 53 -27.79 44.30 -2.55
C PRO C 53 -26.57 44.84 -1.83
N LYS C 54 -25.70 43.93 -1.39
CA LYS C 54 -24.51 44.33 -0.66
C LYS C 54 -23.46 45.02 -1.52
N PHE C 55 -23.62 44.97 -2.84
CA PHE C 55 -22.67 45.61 -3.72
C PHE C 55 -23.15 46.98 -4.20
N LYS C 56 -24.28 47.44 -3.68
CA LYS C 56 -24.79 48.74 -4.08
C LYS C 56 -23.73 49.81 -3.86
N GLY C 57 -23.51 50.63 -4.87
CA GLY C 57 -22.51 51.68 -4.77
C GLY C 57 -21.23 51.31 -5.48
N LEU C 58 -20.93 50.03 -5.52
CA LEU C 58 -19.72 49.55 -6.17
C LEU C 58 -19.97 49.44 -7.68
N THR C 59 -19.25 50.25 -8.45
CA THR C 59 -19.40 50.24 -9.91
C THR C 59 -18.12 49.84 -10.66
N THR C 60 -16.99 50.39 -10.24
CA THR C 60 -15.72 50.07 -10.89
C THR C 60 -15.22 48.68 -10.46
N ALA C 61 -14.49 48.02 -11.35
CA ALA C 61 -13.96 46.69 -11.07
C ALA C 61 -12.82 46.83 -10.06
N ASP C 62 -12.49 48.08 -9.76
CA ASP C 62 -11.42 48.37 -8.81
C ASP C 62 -11.98 48.29 -7.38
N GLN C 63 -13.10 48.96 -7.16
CA GLN C 63 -13.76 48.98 -5.86
C GLN C 63 -14.13 47.56 -5.44
N LEU C 64 -14.82 46.87 -6.35
CA LEU C 64 -15.27 45.50 -6.10
C LEU C 64 -14.18 44.59 -5.55
N LYS C 65 -13.05 44.50 -6.24
CA LYS C 65 -11.95 43.64 -5.79
C LYS C 65 -11.41 44.02 -4.41
N LYS C 66 -11.81 45.18 -3.90
CA LYS C 66 -11.35 45.64 -2.59
C LYS C 66 -12.39 45.45 -1.49
N SER C 67 -13.63 45.15 -1.88
CA SER C 67 -14.71 44.93 -0.93
C SER C 67 -14.68 43.53 -0.33
N ALA C 68 -14.78 43.46 1.00
CA ALA C 68 -14.76 42.17 1.68
C ALA C 68 -16.04 41.41 1.38
N ASP C 69 -17.10 42.14 1.08
CA ASP C 69 -18.39 41.53 0.77
C ASP C 69 -18.32 40.84 -0.57
N VAL C 70 -17.60 41.43 -1.51
CA VAL C 70 -17.45 40.83 -2.82
C VAL C 70 -16.63 39.55 -2.68
N ARG C 71 -15.56 39.62 -1.89
CA ARG C 71 -14.70 38.47 -1.70
C ARG C 71 -15.41 37.29 -1.06
N TRP C 72 -16.16 37.57 -0.01
CA TRP C 72 -16.90 36.52 0.70
C TRP C 72 -17.84 35.84 -0.29
N HIS C 73 -18.68 36.63 -0.93
N HIS C 73 -18.71 36.63 -0.93
CA HIS C 73 -19.64 36.12 -1.91
CA HIS C 73 -19.64 36.08 -1.92
C HIS C 73 -18.94 35.26 -2.95
C HIS C 73 -18.86 35.19 -2.87
N ALA C 74 -17.86 35.79 -3.52
CA ALA C 74 -17.06 35.11 -4.51
C ALA C 74 -16.45 33.82 -4.01
N GLU C 75 -15.99 33.84 -2.76
CA GLU C 75 -15.39 32.64 -2.16
C GLU C 75 -16.42 31.54 -1.97
N ARG C 76 -17.66 31.90 -1.65
CA ARG C 76 -18.69 30.90 -1.46
C ARG C 76 -19.07 30.26 -2.80
N ILE C 77 -19.23 31.08 -3.84
CA ILE C 77 -19.57 30.55 -5.16
C ILE C 77 -18.53 29.55 -5.58
N ILE C 78 -17.30 30.02 -5.64
CA ILE C 78 -16.18 29.19 -6.07
C ILE C 78 -16.09 27.84 -5.36
N ASN C 79 -16.46 27.81 -4.07
CA ASN C 79 -16.41 26.56 -3.29
C ASN C 79 -17.59 25.64 -3.56
N ALA C 80 -18.73 26.23 -3.87
CA ALA C 80 -19.92 25.46 -4.18
C ALA C 80 -19.57 24.61 -5.38
N VAL C 81 -18.92 25.23 -6.35
CA VAL C 81 -18.50 24.53 -7.56
C VAL C 81 -17.48 23.46 -7.17
N ASN C 82 -16.55 23.83 -6.30
CA ASN C 82 -15.53 22.88 -5.88
C ASN C 82 -16.19 21.67 -5.22
N ASP C 83 -17.29 21.89 -4.52
CA ASP C 83 -18.00 20.80 -3.86
C ASP C 83 -18.53 19.88 -4.93
N ALA C 84 -19.07 20.47 -6.00
CA ALA C 84 -19.62 19.69 -7.10
C ALA C 84 -18.53 18.83 -7.70
N VAL C 85 -17.43 19.46 -8.10
CA VAL C 85 -16.32 18.75 -8.70
C VAL C 85 -15.92 17.55 -7.85
N ALA C 86 -15.93 17.73 -6.52
CA ALA C 86 -15.55 16.66 -5.60
C ALA C 86 -16.58 15.53 -5.51
N SER C 87 -17.81 15.82 -5.95
CA SER C 87 -18.91 14.85 -5.93
C SER C 87 -19.23 14.23 -7.28
N MET C 88 -18.44 14.54 -8.30
CA MET C 88 -18.71 13.99 -9.62
C MET C 88 -18.91 12.48 -9.62
N ASP C 89 -18.36 11.80 -8.62
CA ASP C 89 -18.52 10.36 -8.53
C ASP C 89 -19.77 9.98 -7.75
N ASP C 90 -20.26 10.88 -6.92
CA ASP C 90 -21.46 10.64 -6.14
C ASP C 90 -22.52 11.64 -6.59
N THR C 91 -23.14 11.34 -7.71
CA THR C 91 -24.17 12.17 -8.28
C THR C 91 -25.29 12.43 -7.27
N GLU C 92 -25.50 11.47 -6.36
CA GLU C 92 -26.52 11.57 -5.32
C GLU C 92 -26.28 12.77 -4.42
N LYS C 93 -25.06 12.85 -3.88
CA LYS C 93 -24.65 13.93 -2.99
C LYS C 93 -24.67 15.27 -3.69
N MET C 94 -24.13 15.30 -4.89
CA MET C 94 -24.10 16.53 -5.65
C MET C 94 -25.49 17.15 -5.75
N SER C 95 -26.50 16.33 -6.00
CA SER C 95 -27.88 16.80 -6.10
C SER C 95 -28.39 17.45 -4.82
N MET C 96 -28.37 16.71 -3.71
CA MET C 96 -28.85 17.23 -2.44
C MET C 96 -28.28 18.61 -2.13
N LYS C 97 -26.96 18.75 -2.27
CA LYS C 97 -26.30 20.01 -2.01
C LYS C 97 -26.87 21.12 -2.88
N LEU C 98 -26.80 20.95 -4.19
CA LEU C 98 -27.31 21.96 -5.11
C LEU C 98 -28.81 22.24 -5.01
N ARG C 99 -29.63 21.20 -4.83
CA ARG C 99 -31.08 21.40 -4.71
C ARG C 99 -31.36 22.31 -3.50
N ASP C 100 -30.55 22.14 -2.46
CA ASP C 100 -30.69 22.94 -1.26
C ASP C 100 -30.29 24.38 -1.60
N LEU C 101 -29.22 24.50 -2.37
CA LEU C 101 -28.71 25.79 -2.80
C LEU C 101 -29.73 26.49 -3.72
N SER C 102 -30.42 25.70 -4.54
CA SER C 102 -31.43 26.23 -5.45
C SER C 102 -32.52 26.91 -4.62
N GLY C 103 -32.95 26.20 -3.56
CA GLY C 103 -33.98 26.74 -2.70
C GLY C 103 -33.62 28.09 -2.09
N LYS C 104 -32.41 28.21 -1.56
CA LYS C 104 -32.00 29.47 -0.96
C LYS C 104 -32.09 30.60 -1.95
N HIS C 105 -31.68 30.35 -3.19
CA HIS C 105 -31.70 31.41 -4.20
C HIS C 105 -33.10 31.83 -4.57
N ALA C 106 -34.01 30.87 -4.69
CA ALA C 106 -35.37 31.20 -5.08
C ALA C 106 -36.21 31.78 -3.96
N LYS C 107 -36.08 31.26 -2.76
CA LYS C 107 -36.88 31.72 -1.63
C LYS C 107 -36.33 32.86 -0.79
N SER C 108 -35.02 32.89 -0.59
CA SER C 108 -34.43 33.92 0.26
C SER C 108 -33.78 35.06 -0.50
N PHE C 109 -32.92 34.72 -1.45
CA PHE C 109 -32.20 35.73 -2.22
C PHE C 109 -33.04 36.28 -3.38
N GLN C 110 -34.07 35.53 -3.77
CA GLN C 110 -34.96 35.96 -4.85
C GLN C 110 -34.24 36.41 -6.11
N VAL C 111 -33.26 35.62 -6.56
CA VAL C 111 -32.54 35.99 -7.76
C VAL C 111 -33.18 35.42 -9.01
N ASP C 112 -33.07 36.16 -10.10
CA ASP C 112 -33.61 35.73 -11.38
C ASP C 112 -32.81 34.50 -11.80
N PRO C 113 -33.47 33.36 -12.00
CA PRO C 113 -32.82 32.12 -12.41
C PRO C 113 -32.14 32.12 -13.78
N GLN C 114 -32.34 33.19 -14.55
CA GLN C 114 -31.73 33.24 -15.86
C GLN C 114 -30.23 33.48 -15.86
N TYR C 115 -29.70 34.04 -14.77
CA TYR C 115 -28.27 34.32 -14.71
C TYR C 115 -27.37 33.18 -14.27
N PHE C 116 -27.96 32.07 -13.81
CA PHE C 116 -27.15 30.93 -13.38
C PHE C 116 -26.26 30.47 -14.53
N LYS C 117 -26.81 30.35 -15.74
CA LYS C 117 -26.01 29.91 -16.87
C LYS C 117 -25.06 30.99 -17.37
N VAL C 118 -25.39 32.26 -17.14
CA VAL C 118 -24.52 33.37 -17.57
C VAL C 118 -23.22 33.36 -16.75
N LEU C 119 -23.34 33.26 -15.43
CA LEU C 119 -22.20 33.21 -14.54
C LEU C 119 -21.47 31.88 -14.72
N ALA C 120 -22.22 30.81 -14.96
CA ALA C 120 -21.61 29.50 -15.16
C ALA C 120 -20.70 29.53 -16.39
N ALA C 121 -21.08 30.37 -17.36
CA ALA C 121 -20.33 30.53 -18.60
C ALA C 121 -18.96 31.14 -18.32
N VAL C 122 -18.94 32.16 -17.47
CA VAL C 122 -17.70 32.81 -17.11
C VAL C 122 -16.79 31.85 -16.36
N ILE C 123 -17.37 31.06 -15.44
CA ILE C 123 -16.59 30.11 -14.67
C ILE C 123 -15.96 29.11 -15.63
N ALA C 124 -16.72 28.68 -16.62
CA ALA C 124 -16.23 27.72 -17.59
C ALA C 124 -15.15 28.32 -18.49
N ASP C 125 -15.42 29.53 -18.96
CA ASP C 125 -14.50 30.21 -19.84
C ASP C 125 -13.16 30.49 -19.15
N THR C 126 -13.19 30.62 -17.83
CA THR C 126 -11.98 30.89 -17.07
C THR C 126 -11.24 29.62 -16.67
N VAL C 127 -11.95 28.59 -16.22
CA VAL C 127 -11.32 27.37 -15.77
C VAL C 127 -10.84 26.46 -16.88
N ALA C 128 -11.59 26.45 -17.98
CA ALA C 128 -11.21 25.59 -19.09
C ALA C 128 -11.98 25.97 -20.33
N ALA C 129 -11.70 27.17 -20.83
CA ALA C 129 -12.34 27.69 -22.03
C ALA C 129 -12.28 26.66 -23.15
N GLY C 130 -13.45 26.26 -23.63
CA GLY C 130 -13.49 25.28 -24.71
C GLY C 130 -13.84 23.86 -24.34
N ASP C 131 -13.49 23.38 -23.14
CA ASP C 131 -13.81 22.01 -22.79
C ASP C 131 -15.31 21.77 -22.70
N ALA C 132 -15.78 20.77 -23.46
CA ALA C 132 -17.20 20.42 -23.47
C ALA C 132 -17.57 19.63 -22.22
N GLY C 133 -16.62 18.83 -21.73
CA GLY C 133 -16.86 18.05 -20.54
C GLY C 133 -17.15 18.95 -19.35
N PHE C 134 -16.40 20.05 -19.24
CA PHE C 134 -16.60 20.99 -18.15
C PHE C 134 -17.93 21.73 -18.35
N GLU C 135 -18.35 21.88 -19.60
CA GLU C 135 -19.62 22.55 -19.88
C GLU C 135 -20.78 21.69 -19.39
N LYS C 136 -20.59 20.37 -19.38
CA LYS C 136 -21.62 19.46 -18.91
C LYS C 136 -21.81 19.68 -17.42
N LEU C 137 -20.71 19.67 -16.69
CA LEU C 137 -20.76 19.88 -15.25
C LEU C 137 -21.51 21.16 -14.96
N MET C 138 -21.14 22.25 -15.64
CA MET C 138 -21.81 23.54 -15.41
C MET C 138 -23.29 23.47 -15.75
N SER C 139 -23.63 22.63 -16.73
CA SER C 139 -25.03 22.48 -17.13
C SER C 139 -25.82 21.75 -16.04
N MET C 140 -25.22 20.71 -15.48
CA MET C 140 -25.86 19.95 -14.42
C MET C 140 -26.11 20.91 -13.26
N ILE C 141 -25.08 21.65 -12.89
CA ILE C 141 -25.16 22.60 -11.80
C ILE C 141 -26.29 23.60 -12.05
N CYS C 142 -26.35 24.13 -13.26
CA CYS C 142 -27.38 25.11 -13.59
C CYS C 142 -28.78 24.49 -13.57
N ILE C 143 -28.91 23.31 -14.15
CA ILE C 143 -30.20 22.64 -14.17
C ILE C 143 -30.70 22.42 -12.73
N LEU C 144 -29.78 22.05 -11.84
CA LEU C 144 -30.14 21.80 -10.45
C LEU C 144 -30.45 23.07 -9.68
N LEU C 145 -29.73 24.15 -9.97
CA LEU C 145 -29.94 25.42 -9.27
C LEU C 145 -31.28 26.04 -9.63
N ARG C 146 -31.90 25.52 -10.69
CA ARG C 146 -33.20 26.03 -11.10
C ARG C 146 -34.33 25.12 -10.67
N SER C 147 -33.98 23.94 -10.13
CA SER C 147 -34.98 22.97 -9.69
C SER C 147 -35.98 23.50 -8.64
N ALA C 148 -35.57 24.46 -7.82
CA ALA C 148 -36.46 24.99 -6.80
C ALA C 148 -37.42 26.05 -7.35
N TYR C 149 -37.07 26.64 -8.48
CA TYR C 149 -37.94 27.66 -9.06
C TYR C 149 -39.10 26.97 -9.77
N PRO D 1 -13.82 36.59 32.16
CA PRO D 1 -13.40 35.64 31.11
C PRO D 1 -14.59 35.22 30.26
N ILE D 2 -14.36 34.28 29.34
CA ILE D 2 -15.42 33.80 28.45
C ILE D 2 -16.16 32.58 29.00
N VAL D 3 -17.49 32.68 29.06
CA VAL D 3 -18.31 31.59 29.57
C VAL D 3 -19.16 30.98 28.48
N ASP D 4 -19.55 29.73 28.66
CA ASP D 4 -20.36 29.04 27.67
C ASP D 4 -21.57 28.39 28.33
N THR D 5 -21.93 28.89 29.51
CA THR D 5 -23.06 28.36 30.27
C THR D 5 -23.84 29.45 30.98
N GLY D 6 -25.09 29.16 31.31
CA GLY D 6 -25.91 30.12 31.99
C GLY D 6 -26.36 31.31 31.15
N SER D 7 -26.09 32.49 31.67
CA SER D 7 -26.48 33.71 30.96
C SER D 7 -25.50 34.88 31.20
N VAL D 8 -25.60 35.90 30.33
CA VAL D 8 -24.76 37.09 30.44
C VAL D 8 -25.63 38.33 30.20
N ALA D 9 -25.31 39.41 30.88
CA ALA D 9 -26.07 40.65 30.75
C ALA D 9 -26.03 41.17 29.31
N PRO D 10 -27.07 41.92 28.91
CA PRO D 10 -27.17 42.49 27.55
C PRO D 10 -26.00 43.39 27.24
N LEU D 11 -25.63 43.49 25.96
CA LEU D 11 -24.54 44.36 25.56
C LEU D 11 -25.01 45.82 25.64
N SER D 12 -24.16 46.69 26.16
CA SER D 12 -24.50 48.09 26.29
C SER D 12 -24.10 48.84 25.02
N ALA D 13 -24.81 49.92 24.73
CA ALA D 13 -24.52 50.72 23.55
C ALA D 13 -23.04 51.03 23.47
N ALA D 14 -22.44 51.30 24.63
CA ALA D 14 -21.02 51.61 24.69
C ALA D 14 -20.17 50.42 24.24
N GLU D 15 -20.48 49.24 24.77
CA GLU D 15 -19.75 48.01 24.43
C GLU D 15 -19.87 47.69 22.93
N LYS D 16 -21.08 47.75 22.40
CA LYS D 16 -21.32 47.46 20.99
C LYS D 16 -20.42 48.32 20.09
N THR D 17 -20.35 49.61 20.39
CA THR D 17 -19.54 50.55 19.63
C THR D 17 -18.06 50.16 19.67
N LYS D 18 -17.56 49.78 20.85
CA LYS D 18 -16.16 49.37 21.00
C LYS D 18 -15.89 48.15 20.11
N ILE D 19 -16.82 47.22 20.15
CA ILE D 19 -16.76 45.99 19.37
C ILE D 19 -16.70 46.27 17.87
N ARG D 20 -17.64 47.05 17.36
CA ARG D 20 -17.66 47.38 15.94
C ARG D 20 -16.31 47.92 15.50
N SER D 21 -15.70 48.75 16.34
CA SER D 21 -14.41 49.34 16.03
C SER D 21 -13.30 48.30 16.01
N ALA D 22 -13.17 47.58 17.11
CA ALA D 22 -12.13 46.58 17.21
C ALA D 22 -12.26 45.55 16.10
N TRP D 23 -13.49 45.32 15.67
CA TRP D 23 -13.78 44.31 14.65
C TRP D 23 -13.46 44.71 13.20
N ALA D 24 -14.06 45.81 12.76
CA ALA D 24 -13.88 46.33 11.41
C ALA D 24 -12.51 46.06 10.77
N PRO D 25 -11.41 46.46 11.43
CA PRO D 25 -10.08 46.22 10.85
C PRO D 25 -9.81 44.74 10.60
N VAL D 26 -10.19 43.91 11.58
CA VAL D 26 -10.00 42.47 11.48
C VAL D 26 -10.76 41.87 10.31
N TYR D 27 -12.03 42.25 10.17
CA TYR D 27 -12.83 41.70 9.08
C TYR D 27 -12.34 42.16 7.72
N SER D 28 -11.84 43.40 7.66
CA SER D 28 -11.33 43.99 6.43
C SER D 28 -10.34 43.05 5.75
N THR D 29 -9.80 42.11 6.52
CA THR D 29 -8.85 41.14 5.98
C THR D 29 -9.09 39.79 6.67
N TYR D 30 -10.37 39.38 6.75
CA TYR D 30 -10.73 38.12 7.40
C TYR D 30 -10.06 36.91 6.79
N GLU D 31 -9.63 37.05 5.55
CA GLU D 31 -8.95 35.99 4.84
C GLU D 31 -7.73 35.57 5.65
N THR D 32 -6.93 36.56 6.00
CA THR D 32 -5.71 36.36 6.78
C THR D 32 -6.06 36.11 8.25
N SER D 33 -6.70 37.11 8.87
CA SER D 33 -7.11 37.01 10.27
C SER D 33 -7.63 35.61 10.58
N GLY D 34 -8.66 35.20 9.82
CA GLY D 34 -9.25 33.90 10.03
C GLY D 34 -8.25 32.77 10.03
N VAL D 35 -7.35 32.74 9.08
CA VAL D 35 -6.36 31.66 9.00
C VAL D 35 -5.42 31.64 10.19
N ASP D 36 -4.92 32.80 10.59
CA ASP D 36 -4.01 32.87 11.72
C ASP D 36 -4.70 32.33 12.97
N ILE D 37 -5.86 32.87 13.29
CA ILE D 37 -6.62 32.44 14.46
C ILE D 37 -6.80 30.93 14.49
N LEU D 38 -7.34 30.37 13.41
CA LEU D 38 -7.57 28.93 13.34
C LEU D 38 -6.27 28.14 13.49
N VAL D 39 -5.21 28.62 12.85
CA VAL D 39 -3.92 27.94 12.91
C VAL D 39 -3.36 27.99 14.34
N LYS D 40 -3.57 29.10 15.01
CA LYS D 40 -3.09 29.27 16.38
C LYS D 40 -3.83 28.27 17.28
N PHE D 41 -5.16 28.30 17.22
CA PHE D 41 -6.00 27.42 18.00
C PHE D 41 -5.66 25.97 17.78
N PHE D 42 -5.57 25.58 16.52
CA PHE D 42 -5.27 24.20 16.16
C PHE D 42 -3.90 23.71 16.64
N THR D 43 -2.86 24.48 16.36
CA THR D 43 -1.51 24.09 16.75
C THR D 43 -1.28 24.00 18.26
N SER D 44 -1.97 24.85 19.02
CA SER D 44 -1.79 24.84 20.49
C SER D 44 -2.83 24.04 21.29
N THR D 45 -3.80 23.43 20.61
CA THR D 45 -4.79 22.67 21.32
C THR D 45 -4.95 21.31 20.65
N PRO D 46 -3.95 20.43 20.81
CA PRO D 46 -3.92 19.07 20.22
C PRO D 46 -5.19 18.27 20.44
N ALA D 47 -5.66 18.28 21.68
CA ALA D 47 -6.85 17.53 22.06
C ALA D 47 -8.04 17.72 21.12
N ALA D 48 -8.11 18.85 20.45
CA ALA D 48 -9.23 19.12 19.56
C ALA D 48 -8.88 18.94 18.09
N GLN D 49 -7.62 18.58 17.82
CA GLN D 49 -7.18 18.39 16.45
C GLN D 49 -7.87 17.26 15.74
N GLU D 50 -8.21 16.21 16.47
CA GLU D 50 -8.88 15.05 15.88
C GLU D 50 -10.29 15.32 15.36
N PHE D 51 -10.82 16.50 15.66
CA PHE D 51 -12.16 16.83 15.20
C PHE D 51 -12.20 17.48 13.84
N PHE D 52 -11.03 17.78 13.29
CA PHE D 52 -10.95 18.37 11.95
C PHE D 52 -10.40 17.28 11.05
N PRO D 53 -11.26 16.37 10.58
CA PRO D 53 -10.89 15.25 9.70
C PRO D 53 -10.14 15.66 8.44
N LYS D 54 -10.53 16.78 7.85
CA LYS D 54 -9.90 17.25 6.63
C LYS D 54 -8.47 17.78 6.82
N PHE D 55 -8.06 17.97 8.06
CA PHE D 55 -6.71 18.47 8.33
C PHE D 55 -5.76 17.33 8.69
N LYS D 56 -6.23 16.09 8.62
CA LYS D 56 -5.37 14.96 8.94
C LYS D 56 -4.09 15.02 8.09
N GLY D 57 -2.95 14.85 8.75
CA GLY D 57 -1.69 14.89 8.04
C GLY D 57 -1.00 16.23 8.23
N LEU D 58 -1.78 17.28 8.39
CA LEU D 58 -1.24 18.63 8.58
C LEU D 58 -0.83 18.84 10.04
N THR D 59 0.46 19.02 10.27
CA THR D 59 0.96 19.22 11.62
C THR D 59 1.63 20.57 11.83
N THR D 60 2.48 20.97 10.89
CA THR D 60 3.19 22.25 11.02
C THR D 60 2.24 23.40 10.73
N ALA D 61 2.51 24.55 11.31
CA ALA D 61 1.68 25.74 11.09
C ALA D 61 1.97 26.28 9.70
N ASP D 62 2.95 25.67 9.05
CA ASP D 62 3.35 26.08 7.71
C ASP D 62 2.41 25.43 6.69
N GLN D 63 2.23 24.11 6.83
CA GLN D 63 1.37 23.36 5.93
C GLN D 63 -0.05 23.91 5.98
N LEU D 64 -0.58 24.01 7.20
CA LEU D 64 -1.92 24.51 7.43
C LEU D 64 -2.24 25.78 6.67
N LYS D 65 -1.42 26.81 6.82
CA LYS D 65 -1.68 28.07 6.15
C LYS D 65 -1.67 27.94 4.62
N LYS D 66 -1.23 26.79 4.12
CA LYS D 66 -1.17 26.56 2.68
C LYS D 66 -2.30 25.69 2.15
N SER D 67 -3.03 25.05 3.08
CA SER D 67 -4.15 24.18 2.72
C SER D 67 -5.43 24.98 2.44
N ALA D 68 -6.09 24.68 1.32
CA ALA D 68 -7.31 25.38 0.94
C ALA D 68 -8.43 24.99 1.88
N ASP D 69 -8.32 23.79 2.44
CA ASP D 69 -9.32 23.29 3.37
C ASP D 69 -9.27 24.07 4.68
N VAL D 70 -8.07 24.43 5.10
CA VAL D 70 -7.89 25.19 6.33
C VAL D 70 -8.44 26.59 6.11
N ARG D 71 -8.15 27.17 4.95
CA ARG D 71 -8.63 28.50 4.63
C ARG D 71 -10.15 28.61 4.57
N TRP D 72 -10.78 27.66 3.88
CA TRP D 72 -12.24 27.66 3.74
C TRP D 72 -12.88 27.61 5.12
N HIS D 73 -12.45 26.62 5.89
CA HIS D 73 -12.93 26.41 7.24
C HIS D 73 -12.76 27.69 8.07
N ALA D 74 -11.56 28.25 8.04
CA ALA D 74 -11.23 29.48 8.75
C ALA D 74 -12.06 30.67 8.29
N GLU D 75 -12.37 30.71 7.00
CA GLU D 75 -13.16 31.80 6.45
C GLU D 75 -14.62 31.74 6.90
N ARG D 76 -15.12 30.52 7.05
CA ARG D 76 -16.49 30.32 7.51
C ARG D 76 -16.63 30.73 8.96
N ILE D 77 -15.72 30.26 9.83
CA ILE D 77 -15.77 30.62 11.25
C ILE D 77 -15.78 32.15 11.42
N ILE D 78 -14.76 32.79 10.85
CA ILE D 78 -14.60 34.24 10.93
C ILE D 78 -15.85 35.02 10.50
N ASN D 79 -16.59 34.50 9.52
CA ASN D 79 -17.79 35.16 9.03
C ASN D 79 -19.00 34.94 9.91
N ALA D 80 -19.04 33.78 10.58
CA ALA D 80 -20.15 33.48 11.47
C ALA D 80 -20.09 34.50 12.59
N VAL D 81 -18.87 34.80 13.05
CA VAL D 81 -18.68 35.80 14.11
C VAL D 81 -19.09 37.16 13.52
N ASN D 82 -18.66 37.43 12.31
CA ASN D 82 -19.01 38.70 11.69
C ASN D 82 -20.52 38.86 11.62
N ASP D 83 -21.22 37.75 11.38
CA ASP D 83 -22.68 37.79 11.31
C ASP D 83 -23.25 38.21 12.67
N ALA D 84 -22.69 37.63 13.74
CA ALA D 84 -23.15 37.95 15.07
C ALA D 84 -22.93 39.44 15.32
N VAL D 85 -21.70 39.92 15.08
CA VAL D 85 -21.38 41.32 15.29
C VAL D 85 -22.40 42.20 14.63
N ALA D 86 -22.80 41.83 13.42
CA ALA D 86 -23.78 42.59 12.64
C ALA D 86 -25.19 42.52 13.23
N SER D 87 -25.44 41.50 14.06
CA SER D 87 -26.75 41.32 14.67
C SER D 87 -26.85 41.78 16.12
N MET D 88 -25.78 42.37 16.65
CA MET D 88 -25.81 42.80 18.05
C MET D 88 -27.05 43.59 18.42
N ASP D 89 -27.67 44.24 17.43
CA ASP D 89 -28.86 45.03 17.70
C ASP D 89 -30.12 44.18 17.61
N ASP D 90 -30.04 43.07 16.88
CA ASP D 90 -31.19 42.17 16.73
C ASP D 90 -30.84 40.84 17.37
N THR D 91 -30.92 40.82 18.69
CA THR D 91 -30.60 39.64 19.47
C THR D 91 -31.42 38.42 19.00
N GLU D 92 -32.60 38.69 18.44
CA GLU D 92 -33.51 37.67 17.93
C GLU D 92 -32.85 36.90 16.79
N LYS D 93 -32.39 37.64 15.78
CA LYS D 93 -31.75 37.06 14.62
C LYS D 93 -30.46 36.33 14.99
N MET D 94 -29.64 36.98 15.81
CA MET D 94 -28.38 36.38 16.22
C MET D 94 -28.60 34.97 16.78
N SER D 95 -29.67 34.79 17.56
CA SER D 95 -29.98 33.49 18.15
C SER D 95 -30.27 32.44 17.09
N MET D 96 -31.28 32.70 16.26
CA MET D 96 -31.66 31.76 15.21
C MET D 96 -30.46 31.23 14.45
N LYS D 97 -29.61 32.14 13.98
CA LYS D 97 -28.41 31.77 13.24
C LYS D 97 -27.51 30.82 14.04
N LEU D 98 -27.12 31.23 15.23
CA LEU D 98 -26.25 30.39 16.05
C LEU D 98 -26.87 29.08 16.52
N ARG D 99 -28.14 29.12 16.92
CA ARG D 99 -28.82 27.90 17.38
C ARG D 99 -28.78 26.86 16.26
N ASP D 100 -28.88 27.34 15.03
CA ASP D 100 -28.86 26.47 13.86
C ASP D 100 -27.45 25.90 13.72
N LEU D 101 -26.47 26.78 13.93
CA LEU D 101 -25.07 26.43 13.84
C LEU D 101 -24.71 25.44 14.95
N SER D 102 -25.33 25.60 16.12
CA SER D 102 -25.13 24.70 17.24
C SER D 102 -25.53 23.30 16.81
N GLY D 103 -26.71 23.21 16.21
CA GLY D 103 -27.22 21.94 15.74
C GLY D 103 -26.26 21.23 14.82
N LYS D 104 -25.74 21.92 13.80
CA LYS D 104 -24.81 21.30 12.87
C LYS D 104 -23.59 20.73 13.57
N HIS D 105 -23.05 21.46 14.55
CA HIS D 105 -21.89 20.96 15.26
C HIS D 105 -22.16 19.70 16.07
N ALA D 106 -23.30 19.67 16.74
CA ALA D 106 -23.64 18.53 17.59
C ALA D 106 -24.08 17.29 16.83
N LYS D 107 -24.92 17.48 15.81
CA LYS D 107 -25.44 16.36 15.06
C LYS D 107 -24.66 15.87 13.86
N SER D 108 -24.02 16.77 13.14
CA SER D 108 -23.27 16.39 11.94
C SER D 108 -21.77 16.31 12.11
N PHE D 109 -21.19 17.35 12.69
CA PHE D 109 -19.75 17.41 12.90
C PHE D 109 -19.31 16.66 14.15
N GLN D 110 -20.25 16.44 15.06
CA GLN D 110 -19.97 15.72 16.30
C GLN D 110 -18.74 16.25 17.04
N VAL D 111 -18.64 17.56 17.18
CA VAL D 111 -17.50 18.13 17.89
C VAL D 111 -17.75 18.30 19.39
N ASP D 112 -16.69 18.10 20.16
CA ASP D 112 -16.76 18.24 21.62
C ASP D 112 -17.08 19.70 21.88
N PRO D 113 -18.20 19.98 22.57
CA PRO D 113 -18.62 21.35 22.89
C PRO D 113 -17.71 22.14 23.83
N GLN D 114 -16.69 21.48 24.38
CA GLN D 114 -15.81 22.18 25.31
C GLN D 114 -14.83 23.13 24.62
N TYR D 115 -14.57 22.94 23.32
CA TYR D 115 -13.62 23.81 22.65
C TYR D 115 -14.19 25.12 22.11
N PHE D 116 -15.51 25.28 22.15
CA PHE D 116 -16.10 26.51 21.64
C PHE D 116 -15.51 27.69 22.38
N LYS D 117 -15.39 27.59 23.69
CA LYS D 117 -14.83 28.70 24.45
C LYS D 117 -13.33 28.82 24.29
N VAL D 118 -12.65 27.72 23.99
CA VAL D 118 -11.21 27.77 23.80
C VAL D 118 -10.87 28.55 22.52
N LEU D 119 -11.57 28.25 21.43
CA LEU D 119 -11.34 28.95 20.17
C LEU D 119 -11.86 30.38 20.29
N ALA D 120 -12.96 30.57 21.02
CA ALA D 120 -13.54 31.88 21.19
C ALA D 120 -12.54 32.79 21.90
N ALA D 121 -11.72 32.17 22.76
CA ALA D 121 -10.69 32.88 23.52
C ALA D 121 -9.62 33.45 22.59
N VAL D 122 -9.20 32.64 21.62
CA VAL D 122 -8.20 33.08 20.66
C VAL D 122 -8.75 34.20 19.78
N ILE D 123 -10.03 34.09 19.41
CA ILE D 123 -10.63 35.12 18.58
C ILE D 123 -10.62 36.44 19.35
N ALA D 124 -10.98 36.35 20.64
CA ALA D 124 -11.03 37.54 21.50
C ALA D 124 -9.66 38.13 21.72
N ASP D 125 -8.71 37.24 22.01
CA ASP D 125 -7.35 37.67 22.27
C ASP D 125 -6.71 38.32 21.05
N THR D 126 -7.19 37.95 19.86
CA THR D 126 -6.66 38.50 18.61
C THR D 126 -7.36 39.79 18.16
N VAL D 127 -8.68 39.82 18.27
CA VAL D 127 -9.45 41.00 17.86
C VAL D 127 -9.42 42.17 18.85
N ALA D 128 -9.41 41.87 20.14
CA ALA D 128 -9.40 42.91 21.15
C ALA D 128 -8.96 42.37 22.51
N ALA D 129 -7.72 41.90 22.57
CA ALA D 129 -7.18 41.37 23.80
C ALA D 129 -7.48 42.32 24.95
N GLY D 130 -8.17 41.83 25.97
CA GLY D 130 -8.48 42.67 27.12
C GLY D 130 -9.89 43.23 27.22
N ASP D 131 -10.56 43.49 26.10
CA ASP D 131 -11.91 44.04 26.20
C ASP D 131 -12.91 43.06 26.77
N ALA D 132 -13.58 43.48 27.84
CA ALA D 132 -14.58 42.66 28.50
C ALA D 132 -15.86 42.63 27.70
N GLY D 133 -16.14 43.74 27.02
CA GLY D 133 -17.34 43.82 26.20
C GLY D 133 -17.31 42.77 25.11
N PHE D 134 -16.15 42.61 24.49
CA PHE D 134 -16.00 41.65 23.43
C PHE D 134 -16.07 40.23 24.01
N GLU D 135 -15.71 40.10 25.27
CA GLU D 135 -15.76 38.79 25.93
C GLU D 135 -17.21 38.38 26.14
N LYS D 136 -18.09 39.37 26.28
CA LYS D 136 -19.49 39.07 26.46
C LYS D 136 -20.04 38.49 25.17
N LEU D 137 -19.76 39.16 24.06
CA LEU D 137 -20.24 38.68 22.78
C LEU D 137 -19.80 37.23 22.60
N MET D 138 -18.51 36.95 22.79
CA MET D 138 -18.00 35.59 22.63
C MET D 138 -18.70 34.60 23.56
N SER D 139 -19.10 35.08 24.74
CA SER D 139 -19.78 34.24 25.71
C SER D 139 -21.18 33.88 25.21
N MET D 140 -21.89 34.87 24.68
CA MET D 140 -23.22 34.66 24.13
C MET D 140 -23.12 33.65 23.00
N ILE D 141 -22.13 33.85 22.12
CA ILE D 141 -21.93 32.96 20.99
C ILE D 141 -21.67 31.55 21.48
N CYS D 142 -20.79 31.41 22.48
CA CYS D 142 -20.48 30.10 23.01
C CYS D 142 -21.70 29.47 23.69
N ILE D 143 -22.41 30.24 24.51
CA ILE D 143 -23.61 29.72 25.17
C ILE D 143 -24.62 29.17 24.15
N LEU D 144 -24.80 29.89 23.05
CA LEU D 144 -25.73 29.49 22.00
C LEU D 144 -25.22 28.30 21.17
N LEU D 145 -23.92 28.24 20.92
CA LEU D 145 -23.39 27.11 20.15
C LEU D 145 -23.50 25.80 20.92
N ARG D 146 -23.78 25.88 22.23
CA ARG D 146 -23.91 24.69 23.04
C ARG D 146 -25.37 24.35 23.30
N SER D 147 -26.27 25.25 22.89
CA SER D 147 -27.70 25.04 23.10
C SER D 147 -28.27 23.76 22.49
N ALA D 148 -27.66 23.26 21.42
CA ALA D 148 -28.13 22.04 20.76
C ALA D 148 -27.63 20.77 21.42
N TYR D 149 -26.54 20.87 22.19
CA TYR D 149 -26.00 19.71 22.87
C TYR D 149 -26.83 19.41 24.12
N PRO E 1 15.00 -21.08 55.76
CA PRO E 1 15.40 -21.81 54.55
C PRO E 1 14.18 -22.33 53.81
N ILE E 2 14.41 -23.08 52.74
CA ILE E 2 13.30 -23.62 51.93
C ILE E 2 12.84 -25.00 52.38
N VAL E 3 11.55 -25.14 52.63
CA VAL E 3 10.99 -26.41 53.07
C VAL E 3 10.08 -27.02 52.01
N ASP E 4 9.93 -28.34 52.04
CA ASP E 4 9.10 -29.04 51.09
C ASP E 4 8.12 -29.97 51.77
N THR E 5 7.84 -29.69 53.05
CA THR E 5 6.93 -30.51 53.84
C THR E 5 6.09 -29.65 54.78
N GLY E 6 4.98 -30.20 55.25
CA GLY E 6 4.14 -29.48 56.18
C GLY E 6 3.40 -28.30 55.61
N SER E 7 3.59 -27.13 56.22
CA SER E 7 2.90 -25.93 55.77
C SER E 7 3.69 -24.65 56.04
N VAL E 8 3.29 -23.57 55.37
CA VAL E 8 3.93 -22.27 55.55
C VAL E 8 2.86 -21.18 55.63
N ALA E 9 3.12 -20.16 56.43
CA ALA E 9 2.16 -19.08 56.58
C ALA E 9 1.91 -18.39 55.25
N PRO E 10 0.74 -17.74 55.11
CA PRO E 10 0.34 -17.02 53.89
C PRO E 10 1.29 -15.90 53.56
N LEU E 11 1.43 -15.59 52.26
CA LEU E 11 2.31 -14.50 51.83
C LEU E 11 1.65 -13.17 52.18
N SER E 12 2.43 -12.25 52.74
CA SER E 12 1.92 -10.94 53.11
C SER E 12 2.01 -9.99 51.92
N ALA E 13 1.10 -9.04 51.87
CA ALA E 13 1.07 -8.06 50.80
C ALA E 13 2.46 -7.48 50.60
N ALA E 14 3.17 -7.26 51.70
CA ALA E 14 4.51 -6.71 51.64
C ALA E 14 5.46 -7.67 50.91
N GLU E 15 5.41 -8.95 51.28
CA GLU E 15 6.26 -9.97 50.67
C GLU E 15 5.98 -10.12 49.18
N LYS E 16 4.70 -10.18 48.83
CA LYS E 16 4.30 -10.33 47.44
C LYS E 16 4.93 -9.23 46.59
N THR E 17 4.82 -7.99 47.06
CA THR E 17 5.38 -6.84 46.35
C THR E 17 6.89 -6.98 46.12
N LYS E 18 7.61 -7.43 47.16
CA LYS E 18 9.04 -7.62 47.05
C LYS E 18 9.36 -8.64 45.98
N ILE E 19 8.59 -9.72 45.99
CA ILE E 19 8.72 -10.80 45.02
C ILE E 19 8.52 -10.31 43.58
N ARG E 20 7.40 -9.63 43.33
CA ARG E 20 7.10 -9.12 42.00
C ARG E 20 8.25 -8.29 41.45
N SER E 21 8.88 -7.51 42.32
CA SER E 21 10.00 -6.65 41.93
C SER E 21 11.24 -7.47 41.61
N ALA E 22 11.62 -8.33 42.54
CA ALA E 22 12.81 -9.14 42.37
C ALA E 22 12.68 -10.04 41.15
N TRP E 23 11.45 -10.45 40.87
CA TRP E 23 11.17 -11.34 39.75
C TRP E 23 11.21 -10.68 38.37
N ALA E 24 10.39 -9.65 38.18
CA ALA E 24 10.27 -8.92 36.92
C ALA E 24 11.53 -8.89 36.05
N PRO E 25 12.66 -8.42 36.60
CA PRO E 25 13.91 -8.35 35.85
C PRO E 25 14.35 -9.72 35.34
N VAL E 26 14.29 -10.72 36.21
CA VAL E 26 14.67 -12.08 35.86
C VAL E 26 13.81 -12.65 34.73
N TYR E 27 12.49 -12.50 34.83
CA TYR E 27 11.61 -13.03 33.78
C TYR E 27 11.79 -12.29 32.45
N SER E 28 12.10 -11.00 32.51
CA SER E 28 12.31 -10.18 31.31
C SER E 28 13.31 -10.86 30.37
N THR E 29 14.11 -11.77 30.92
CA THR E 29 15.09 -12.49 30.13
C THR E 29 15.16 -13.92 30.63
N TYR E 30 14.00 -14.55 30.82
CA TYR E 30 13.94 -15.93 31.32
C TYR E 30 14.71 -16.92 30.47
N GLU E 31 14.89 -16.58 29.19
CA GLU E 31 15.61 -17.40 28.24
C GLU E 31 17.00 -17.67 28.81
N THR E 32 17.67 -16.60 29.22
CA THR E 32 19.01 -16.69 29.78
C THR E 32 18.94 -17.17 31.22
N SER E 33 18.24 -16.41 32.06
CA SER E 33 18.06 -16.74 33.47
C SER E 33 17.82 -18.24 33.65
N GLY E 34 16.78 -18.73 32.97
CA GLY E 34 16.44 -20.13 33.06
C GLY E 34 17.59 -21.08 32.78
N VAL E 35 18.31 -20.85 31.69
CA VAL E 35 19.43 -21.71 31.34
C VAL E 35 20.53 -21.72 32.40
N ASP E 36 20.93 -20.53 32.87
CA ASP E 36 21.98 -20.45 33.88
C ASP E 36 21.59 -21.24 35.11
N ILE E 37 20.39 -20.96 35.63
CA ILE E 37 19.93 -21.65 36.82
C ILE E 37 19.98 -23.16 36.66
N LEU E 38 19.40 -23.67 35.57
CA LEU E 38 19.38 -25.11 35.34
C LEU E 38 20.78 -25.67 35.19
N VAL E 39 21.64 -24.94 34.49
CA VAL E 39 23.02 -25.39 34.28
C VAL E 39 23.78 -25.42 35.61
N LYS E 40 23.50 -24.44 36.48
CA LYS E 40 24.14 -24.36 37.79
C LYS E 40 23.74 -25.56 38.63
N PHE E 41 22.43 -25.77 38.75
CA PHE E 41 21.86 -26.87 39.50
C PHE E 41 22.40 -28.22 39.01
N PHE E 42 22.34 -28.43 37.71
CA PHE E 42 22.77 -29.68 37.12
C PHE E 42 24.26 -29.98 37.30
N THR E 43 25.12 -29.01 37.03
CA THR E 43 26.55 -29.21 37.16
C THR E 43 27.02 -29.44 38.59
N SER E 44 26.35 -28.83 39.54
CA SER E 44 26.73 -28.98 40.95
C SER E 44 25.97 -30.05 41.75
N THR E 45 25.03 -30.74 41.13
CA THR E 45 24.29 -31.76 41.85
C THR E 45 24.23 -33.01 41.00
N PRO E 46 25.36 -33.72 40.89
CA PRO E 46 25.50 -34.95 40.10
C PRO E 46 24.43 -36.00 40.37
N ALA E 47 24.16 -36.22 41.66
CA ALA E 47 23.16 -37.21 42.09
C ALA E 47 21.82 -37.14 41.35
N ALA E 48 21.45 -35.95 40.87
CA ALA E 48 20.20 -35.77 40.18
C ALA E 48 20.35 -35.73 38.68
N GLN E 49 21.59 -35.78 38.20
CA GLN E 49 21.84 -35.72 36.77
C GLN E 49 21.23 -36.86 35.99
N GLU E 50 21.17 -38.04 36.60
CA GLU E 50 20.62 -39.21 35.93
C GLU E 50 19.13 -39.11 35.66
N PHE E 51 18.47 -38.09 36.21
CA PHE E 51 17.04 -37.93 35.99
C PHE E 51 16.67 -37.13 34.75
N PHE E 52 17.67 -36.59 34.08
CA PHE E 52 17.45 -35.84 32.85
C PHE E 52 18.02 -36.68 31.70
N PRO E 53 17.25 -37.67 31.23
CA PRO E 53 17.65 -38.58 30.14
C PRO E 53 18.13 -37.89 28.90
N LYS E 54 17.48 -36.79 28.54
CA LYS E 54 17.85 -36.08 27.33
C LYS E 54 19.20 -35.36 27.40
N PHE E 55 19.74 -35.23 28.60
CA PHE E 55 21.02 -34.56 28.77
C PHE E 55 22.19 -35.54 28.83
N LYS E 56 21.91 -36.82 28.61
CA LYS E 56 22.97 -37.82 28.65
C LYS E 56 24.07 -37.44 27.66
N GLY E 57 25.31 -37.46 28.14
CA GLY E 57 26.44 -37.12 27.30
C GLY E 57 26.95 -35.72 27.57
N LEU E 58 26.04 -34.85 27.99
CA LEU E 58 26.39 -33.47 28.28
C LEU E 58 26.98 -33.40 29.69
N THR E 59 28.25 -33.02 29.78
CA THR E 59 28.93 -32.91 31.07
C THR E 59 29.41 -31.50 31.40
N THR E 60 30.02 -30.83 30.42
CA THR E 60 30.53 -29.48 30.65
C THR E 60 29.37 -28.47 30.64
N ALA E 61 29.54 -27.38 31.39
CA ALA E 61 28.53 -26.35 31.45
C ALA E 61 28.50 -25.61 30.12
N ASP E 62 29.46 -25.92 29.28
CA ASP E 62 29.58 -25.30 27.98
C ASP E 62 28.62 -25.98 26.99
N GLN E 63 28.65 -27.31 26.96
CA GLN E 63 27.79 -28.07 26.08
C GLN E 63 26.33 -27.79 26.40
N LEU E 64 26.00 -27.92 27.67
CA LEU E 64 24.64 -27.72 28.15
C LEU E 64 24.01 -26.44 27.61
N LYS E 65 24.65 -25.30 27.84
CA LYS E 65 24.11 -24.01 27.38
C LYS E 65 23.91 -23.93 25.87
N LYS E 66 24.43 -24.92 25.16
CA LYS E 66 24.31 -24.95 23.70
C LYS E 66 23.25 -25.94 23.23
N SER E 67 22.80 -26.80 24.12
CA SER E 67 21.79 -27.80 23.77
C SER E 67 20.38 -27.22 23.77
N ALA E 68 19.61 -27.50 22.73
CA ALA E 68 18.24 -26.98 22.63
C ALA E 68 17.35 -27.69 23.63
N ASP E 69 17.74 -28.90 24.01
CA ASP E 69 16.98 -29.68 24.97
C ASP E 69 17.11 -29.09 26.37
N VAL E 70 18.29 -28.56 26.67
CA VAL E 70 18.54 -27.93 27.95
C VAL E 70 17.76 -26.63 28.02
N ARG E 71 17.77 -25.88 26.94
CA ARG E 71 17.05 -24.62 26.89
C ARG E 71 15.54 -24.77 27.05
N TRP E 72 14.95 -25.70 26.30
CA TRP E 72 13.51 -25.95 26.35
C TRP E 72 13.13 -26.31 27.77
N HIS E 73 13.85 -27.28 28.29
CA HIS E 73 13.61 -27.75 29.63
C HIS E 73 13.73 -26.62 30.66
N ALA E 74 14.75 -25.78 30.53
CA ALA E 74 14.98 -24.65 31.44
C ALA E 74 13.90 -23.57 31.28
N GLU E 75 13.43 -23.39 30.05
CA GLU E 75 12.40 -22.40 29.78
C GLU E 75 11.07 -22.79 30.39
N ARG E 76 10.76 -24.09 30.42
CA ARG E 76 9.52 -24.55 31.01
C ARG E 76 9.56 -24.37 32.52
N ILE E 77 10.67 -24.72 33.16
CA ILE E 77 10.81 -24.57 34.60
C ILE E 77 10.57 -23.12 35.00
N ILE E 78 11.37 -22.25 34.40
CA ILE E 78 11.31 -20.82 34.69
C ILE E 78 9.91 -20.22 34.55
N ASN E 79 9.12 -20.74 33.61
CA ASN E 79 7.77 -20.24 33.40
C ASN E 79 6.76 -20.81 34.38
N ALA E 80 7.02 -22.02 34.89
CA ALA E 80 6.14 -22.64 35.88
C ALA E 80 6.22 -21.76 37.12
N VAL E 81 7.41 -21.29 37.44
CA VAL E 81 7.61 -20.42 38.57
C VAL E 81 6.92 -19.10 38.27
N ASN E 82 7.10 -18.59 37.06
CA ASN E 82 6.45 -17.34 36.70
C ASN E 82 4.93 -17.43 36.85
N ASP E 83 4.38 -18.62 36.60
CA ASP E 83 2.94 -18.84 36.72
C ASP E 83 2.55 -18.72 38.18
N ALA E 84 3.36 -19.29 39.05
CA ALA E 84 3.09 -19.21 40.47
C ALA E 84 3.09 -17.75 40.91
N VAL E 85 4.18 -17.05 40.62
CA VAL E 85 4.31 -15.64 40.97
C VAL E 85 3.07 -14.86 40.56
N ALA E 86 2.53 -15.19 39.39
CA ALA E 86 1.36 -14.51 38.88
C ALA E 86 0.09 -14.89 39.61
N SER E 87 0.11 -16.02 40.29
CA SER E 87 -1.07 -16.49 41.02
C SER E 87 -0.99 -16.23 42.51
N MET E 88 0.02 -15.47 42.96
CA MET E 88 0.17 -15.23 44.40
C MET E 88 -1.10 -14.74 45.07
N ASP E 89 -1.98 -14.13 44.29
CA ASP E 89 -3.23 -13.61 44.82
C ASP E 89 -4.37 -14.64 44.76
N ASP E 90 -4.20 -15.65 43.92
CA ASP E 90 -5.20 -16.69 43.77
C ASP E 90 -4.56 -18.01 44.14
N THR E 91 -4.41 -18.23 45.44
CA THR E 91 -3.80 -19.44 46.00
C THR E 91 -4.49 -20.71 45.46
N GLU E 92 -5.77 -20.57 45.12
CA GLU E 92 -6.58 -21.66 44.58
C GLU E 92 -6.00 -22.15 43.27
N LYS E 93 -5.81 -21.22 42.34
CA LYS E 93 -5.28 -21.54 41.01
C LYS E 93 -3.85 -22.05 41.10
N MET E 94 -3.03 -21.41 41.92
CA MET E 94 -1.65 -21.84 42.07
C MET E 94 -1.56 -23.32 42.42
N SER E 95 -2.45 -23.76 43.31
CA SER E 95 -2.47 -25.16 43.71
C SER E 95 -2.75 -26.10 42.56
N MET E 96 -3.92 -25.95 41.94
CA MET E 96 -4.30 -26.80 40.82
C MET E 96 -3.17 -27.01 39.83
N LYS E 97 -2.55 -25.92 39.38
CA LYS E 97 -1.45 -25.98 38.42
C LYS E 97 -0.30 -26.85 38.95
N LEU E 98 0.20 -26.52 40.13
CA LEU E 98 1.32 -27.28 40.70
C LEU E 98 0.99 -28.72 41.04
N ARG E 99 -0.20 -28.96 41.59
CA ARG E 99 -0.59 -30.31 41.95
C ARG E 99 -0.57 -31.17 40.70
N ASP E 100 -0.93 -30.57 39.57
CA ASP E 100 -0.96 -31.27 38.29
C ASP E 100 0.48 -31.56 37.90
N LEU E 101 1.32 -30.56 38.08
CA LEU E 101 2.72 -30.67 37.76
C LEU E 101 3.39 -31.73 38.64
N SER E 102 2.95 -31.82 39.89
CA SER E 102 3.50 -32.79 40.82
C SER E 102 3.25 -34.15 40.26
N GLY E 103 2.02 -34.37 39.81
CA GLY E 103 1.65 -35.67 39.25
C GLY E 103 2.56 -36.07 38.12
N LYS E 104 2.79 -35.16 37.18
CA LYS E 104 3.64 -35.48 36.04
C LYS E 104 5.02 -35.92 36.47
N HIS E 105 5.59 -35.26 37.46
CA HIS E 105 6.92 -35.63 37.93
C HIS E 105 6.99 -37.00 38.59
N ALA E 106 5.98 -37.33 39.39
CA ALA E 106 5.96 -38.60 40.09
C ALA E 106 5.57 -39.78 39.23
N LYS E 107 4.59 -39.61 38.36
CA LYS E 107 4.14 -40.72 37.55
C LYS E 107 4.80 -40.89 36.19
N SER E 108 5.15 -39.80 35.52
CA SER E 108 5.75 -39.90 34.19
C SER E 108 7.26 -39.73 34.13
N PHE E 109 7.76 -38.69 34.79
CA PHE E 109 9.19 -38.41 34.80
C PHE E 109 9.93 -39.21 35.86
N GLN E 110 9.19 -39.71 36.85
CA GLN E 110 9.77 -40.52 37.91
C GLN E 110 11.00 -39.89 38.53
N VAL E 111 10.92 -38.61 38.87
CA VAL E 111 12.06 -37.95 39.49
C VAL E 111 12.01 -38.04 41.01
N ASP E 112 13.20 -38.12 41.62
CA ASP E 112 13.32 -38.19 43.06
C ASP E 112 12.83 -36.86 43.61
N PRO E 113 11.80 -36.87 44.48
CA PRO E 113 11.24 -35.66 45.06
C PRO E 113 12.15 -34.84 45.96
N GLN E 114 13.32 -35.38 46.27
CA GLN E 114 14.22 -34.65 47.14
C GLN E 114 14.91 -33.46 46.48
N TYR E 115 15.00 -33.45 45.15
CA TYR E 115 15.68 -32.34 44.47
C TYR E 115 14.85 -31.09 44.21
N PHE E 116 13.55 -31.18 44.43
CA PHE E 116 12.69 -30.01 44.23
C PHE E 116 13.22 -28.83 45.04
N LYS E 117 13.54 -29.06 46.31
CA LYS E 117 14.03 -27.96 47.16
C LYS E 117 15.47 -27.57 46.82
N VAL E 118 16.24 -28.51 46.26
CA VAL E 118 17.61 -28.20 45.90
C VAL E 118 17.63 -27.21 44.74
N LEU E 119 16.83 -27.48 43.72
CA LEU E 119 16.74 -26.60 42.55
C LEU E 119 16.05 -25.30 42.95
N ALA E 120 15.06 -25.40 43.84
CA ALA E 120 14.32 -24.23 44.30
C ALA E 120 15.29 -23.28 44.98
N ALA E 121 16.31 -23.84 45.62
CA ALA E 121 17.31 -23.05 46.34
C ALA E 121 18.14 -22.21 45.38
N VAL E 122 18.49 -22.80 44.23
CA VAL E 122 19.26 -22.08 43.22
C VAL E 122 18.41 -20.96 42.61
N ILE E 123 17.14 -21.25 42.34
CA ILE E 123 16.24 -20.25 41.77
C ILE E 123 16.15 -19.05 42.73
N ALA E 124 16.05 -19.34 44.03
CA ALA E 124 15.94 -18.30 45.06
C ALA E 124 17.23 -17.54 45.24
N ASP E 125 18.33 -18.27 45.24
CA ASP E 125 19.64 -17.65 45.40
C ASP E 125 19.96 -16.73 44.21
N THR E 126 19.39 -17.04 43.05
CA THR E 126 19.62 -16.25 41.85
C THR E 126 18.66 -15.06 41.71
N VAL E 127 17.38 -15.28 41.96
CA VAL E 127 16.40 -14.22 41.84
C VAL E 127 16.39 -13.20 42.97
N ALA E 128 16.65 -13.67 44.19
CA ALA E 128 16.65 -12.79 45.34
C ALA E 128 17.36 -13.41 46.52
N ALA E 129 18.66 -13.66 46.35
CA ALA E 129 19.47 -14.25 47.41
C ALA E 129 19.22 -13.53 48.73
N GLY E 130 18.75 -14.27 49.73
CA GLY E 130 18.51 -13.69 51.02
C GLY E 130 17.07 -13.39 51.40
N ASP E 131 16.21 -13.06 50.44
CA ASP E 131 14.82 -12.74 50.78
C ASP E 131 14.08 -13.94 51.33
N ALA E 132 13.51 -13.76 52.51
CA ALA E 132 12.75 -14.83 53.16
C ALA E 132 11.38 -14.97 52.54
N GLY E 133 10.83 -13.85 52.09
CA GLY E 133 9.52 -13.87 51.47
C GLY E 133 9.55 -14.75 50.22
N PHE E 134 10.63 -14.63 49.46
CA PHE E 134 10.75 -15.42 48.24
C PHE E 134 10.98 -16.88 48.62
N GLU E 135 11.58 -17.11 49.78
CA GLU E 135 11.82 -18.47 50.24
C GLU E 135 10.50 -19.14 50.57
N LYS E 136 9.51 -18.34 50.98
CA LYS E 136 8.20 -18.90 51.29
C LYS E 136 7.57 -19.42 50.01
N LEU E 137 7.55 -18.57 49.00
CA LEU E 137 6.99 -18.96 47.71
C LEU E 137 7.62 -20.28 47.28
N MET E 138 8.96 -20.34 47.25
CA MET E 138 9.62 -21.57 46.84
C MET E 138 9.24 -22.77 47.70
N SER E 139 8.93 -22.51 48.96
CA SER E 139 8.55 -23.57 49.89
C SER E 139 7.17 -24.09 49.54
N MET E 140 6.25 -23.18 49.23
CA MET E 140 4.90 -23.57 48.85
C MET E 140 4.98 -24.40 47.58
N ILE E 141 5.75 -23.92 46.61
CA ILE E 141 5.92 -24.63 45.35
C ILE E 141 6.47 -26.02 45.59
N CYS E 142 7.49 -26.12 46.43
CA CYS E 142 8.08 -27.43 46.73
C CYS E 142 7.10 -28.34 47.45
N ILE E 143 6.40 -27.82 48.45
CA ILE E 143 5.43 -28.61 49.17
C ILE E 143 4.38 -29.16 48.21
N LEU E 144 3.93 -28.34 47.27
CA LEU E 144 2.93 -28.77 46.32
C LEU E 144 3.46 -29.74 45.27
N LEU E 145 4.71 -29.56 44.83
CA LEU E 145 5.28 -30.48 43.84
C LEU E 145 5.49 -31.87 44.43
N ARG E 146 5.40 -32.00 45.75
CA ARG E 146 5.57 -33.29 46.37
C ARG E 146 4.24 -33.90 46.75
N SER E 147 3.17 -33.15 46.61
CA SER E 147 1.83 -33.62 46.98
C SER E 147 1.38 -34.90 46.28
N ALA E 148 1.87 -35.12 45.06
CA ALA E 148 1.49 -36.32 44.31
C ALA E 148 2.29 -37.57 44.73
N TYR E 149 3.46 -37.38 45.34
CA TYR E 149 4.27 -38.50 45.77
C TYR E 149 3.69 -39.08 47.05
N PRO F 1 -1.41 -27.45 -1.45
CA PRO F 1 -1.48 -26.49 -0.33
C PRO F 1 -1.74 -27.22 0.98
N ILE F 2 -1.94 -26.45 2.05
CA ILE F 2 -2.18 -27.03 3.36
C ILE F 2 -3.67 -27.21 3.63
N VAL F 3 -4.05 -28.42 4.03
CA VAL F 3 -5.44 -28.72 4.32
C VAL F 3 -5.62 -29.04 5.81
N ASP F 4 -6.84 -28.85 6.30
CA ASP F 4 -7.14 -29.11 7.71
C ASP F 4 -8.38 -29.97 7.85
N THR F 5 -8.72 -30.71 6.79
CA THR F 5 -9.89 -31.59 6.79
C THR F 5 -9.62 -32.86 6.04
N GLY F 6 -10.38 -33.89 6.34
CA GLY F 6 -10.23 -35.15 5.65
C GLY F 6 -9.00 -35.96 6.01
N SER F 7 -8.20 -36.29 4.99
CA SER F 7 -7.01 -37.09 5.21
C SER F 7 -5.90 -36.78 4.19
N VAL F 8 -4.69 -37.20 4.52
CA VAL F 8 -3.54 -37.01 3.64
C VAL F 8 -2.71 -38.29 3.65
N ALA F 9 -2.11 -38.62 2.50
CA ALA F 9 -1.30 -39.82 2.36
C ALA F 9 -0.13 -39.80 3.33
N PRO F 10 0.35 -40.99 3.73
CA PRO F 10 1.47 -41.13 4.68
C PRO F 10 2.74 -40.47 4.17
N LEU F 11 3.59 -40.00 5.08
CA LEU F 11 4.84 -39.36 4.69
C LEU F 11 5.80 -40.43 4.18
N SER F 12 6.48 -40.15 3.08
CA SER F 12 7.43 -41.10 2.51
C SER F 12 8.80 -40.88 3.14
N ALA F 13 9.60 -41.93 3.18
CA ALA F 13 10.94 -41.85 3.76
C ALA F 13 11.70 -40.68 3.17
N ALA F 14 11.50 -40.45 1.88
CA ALA F 14 12.16 -39.34 1.20
C ALA F 14 11.72 -38.00 1.77
N GLU F 15 10.40 -37.82 1.89
CA GLU F 15 9.85 -36.59 2.43
C GLU F 15 10.31 -36.34 3.88
N LYS F 16 10.27 -37.36 4.71
CA LYS F 16 10.70 -37.24 6.10
C LYS F 16 12.11 -36.69 6.19
N THR F 17 13.00 -37.24 5.37
CA THR F 17 14.40 -36.80 5.35
C THR F 17 14.55 -35.34 4.96
N LYS F 18 13.78 -34.90 3.96
CA LYS F 18 13.83 -33.50 3.52
C LYS F 18 13.42 -32.61 4.68
N ILE F 19 12.33 -33.01 5.34
CA ILE F 19 11.79 -32.29 6.48
C ILE F 19 12.82 -32.13 7.59
N ARG F 20 13.40 -33.23 8.03
CA ARG F 20 14.39 -33.18 9.09
C ARG F 20 15.48 -32.17 8.77
N SER F 21 15.91 -32.14 7.51
CA SER F 21 16.94 -31.22 7.07
C SER F 21 16.49 -29.77 7.13
N ALA F 22 15.38 -29.50 6.45
CA ALA F 22 14.83 -28.15 6.43
C ALA F 22 14.53 -27.63 7.84
N TRP F 23 14.18 -28.55 8.73
CA TRP F 23 13.83 -28.20 10.11
C TRP F 23 15.01 -27.89 11.03
N ALA F 24 15.94 -28.85 11.15
CA ALA F 24 17.12 -28.72 12.00
C ALA F 24 17.65 -27.29 12.18
N PRO F 25 17.96 -26.58 11.09
CA PRO F 25 18.47 -25.21 11.20
C PRO F 25 17.50 -24.29 11.93
N VAL F 26 16.23 -24.38 11.58
CA VAL F 26 15.19 -23.54 12.19
C VAL F 26 15.06 -23.80 13.69
N TYR F 27 15.04 -25.07 14.10
CA TYR F 27 14.93 -25.37 15.53
C TYR F 27 16.17 -24.95 16.30
N SER F 28 17.34 -25.05 15.68
CA SER F 28 18.60 -24.67 16.32
C SER F 28 18.51 -23.30 16.94
N THR F 29 17.55 -22.51 16.47
CA THR F 29 17.34 -21.16 16.98
C THR F 29 15.84 -20.88 17.04
N TYR F 30 15.08 -21.83 17.60
CA TYR F 30 13.64 -21.68 17.70
C TYR F 30 13.19 -20.44 18.47
N GLU F 31 14.08 -19.96 19.34
CA GLU F 31 13.81 -18.77 20.12
C GLU F 31 13.46 -17.63 19.16
N THR F 32 14.32 -17.42 18.17
CA THR F 32 14.13 -16.38 17.17
C THR F 32 13.08 -16.79 16.15
N SER F 33 13.34 -17.90 15.46
CA SER F 33 12.42 -18.43 14.46
C SER F 33 10.96 -18.34 14.93
N GLY F 34 10.70 -18.89 16.11
CA GLY F 34 9.36 -18.86 16.66
C GLY F 34 8.77 -17.47 16.75
N VAL F 35 9.52 -16.53 17.31
CA VAL F 35 9.02 -15.18 17.45
C VAL F 35 8.67 -14.54 16.11
N ASP F 36 9.57 -14.64 15.14
CA ASP F 36 9.32 -14.06 13.82
C ASP F 36 8.05 -14.59 13.23
N ILE F 37 7.92 -15.92 13.20
CA ILE F 37 6.75 -16.55 12.64
C ILE F 37 5.47 -16.04 13.29
N LEU F 38 5.43 -16.09 14.62
CA LEU F 38 4.25 -15.63 15.34
C LEU F 38 3.96 -14.17 15.10
N VAL F 39 5.00 -13.35 15.06
CA VAL F 39 4.83 -11.93 14.82
C VAL F 39 4.30 -11.67 13.41
N LYS F 40 4.78 -12.46 12.45
CA LYS F 40 4.36 -12.33 11.05
C LYS F 40 2.87 -12.66 10.95
N PHE F 41 2.50 -13.84 11.45
CA PHE F 41 1.13 -14.30 11.44
C PHE F 41 0.17 -13.31 12.08
N PHE F 42 0.52 -12.87 13.29
CA PHE F 42 -0.31 -11.95 14.06
C PHE F 42 -0.50 -10.59 13.38
N THR F 43 0.60 -9.98 12.95
CA THR F 43 0.52 -8.66 12.31
C THR F 43 -0.25 -8.65 11.01
N SER F 44 -0.18 -9.75 10.26
CA SER F 44 -0.88 -9.83 8.99
C SER F 44 -2.25 -10.51 9.00
N THR F 45 -2.69 -10.98 10.16
CA THR F 45 -4.00 -11.61 10.22
C THR F 45 -4.76 -11.05 11.41
N PRO F 46 -5.22 -9.80 11.28
CA PRO F 46 -5.99 -9.09 12.32
C PRO F 46 -7.16 -9.88 12.90
N ALA F 47 -7.95 -10.46 12.01
CA ALA F 47 -9.12 -11.21 12.40
C ALA F 47 -8.88 -12.21 13.55
N ALA F 48 -7.65 -12.69 13.67
CA ALA F 48 -7.33 -13.67 14.70
C ALA F 48 -6.62 -13.06 15.91
N GLN F 49 -6.34 -11.77 15.82
CA GLN F 49 -5.64 -11.07 16.90
C GLN F 49 -6.40 -11.05 18.21
N GLU F 50 -7.72 -10.97 18.14
CA GLU F 50 -8.52 -10.95 19.35
C GLU F 50 -8.48 -12.25 20.16
N PHE F 51 -7.86 -13.30 19.61
CA PHE F 51 -7.80 -14.57 20.32
C PHE F 51 -6.59 -14.74 21.23
N PHE F 52 -5.70 -13.75 21.20
CA PHE F 52 -4.52 -13.75 22.04
C PHE F 52 -4.72 -12.64 23.06
N PRO F 53 -5.49 -12.91 24.13
CA PRO F 53 -5.80 -11.97 25.21
C PRO F 53 -4.61 -11.29 25.84
N LYS F 54 -3.51 -12.04 25.98
CA LYS F 54 -2.31 -11.50 26.60
C LYS F 54 -1.54 -10.50 25.72
N PHE F 55 -1.92 -10.40 24.44
CA PHE F 55 -1.26 -9.48 23.53
C PHE F 55 -2.06 -8.22 23.32
N LYS F 56 -3.13 -8.04 24.08
CA LYS F 56 -3.94 -6.84 23.95
C LYS F 56 -3.07 -5.61 24.19
N GLY F 57 -3.17 -4.65 23.27
CA GLY F 57 -2.40 -3.43 23.38
C GLY F 57 -1.18 -3.44 22.49
N LEU F 58 -0.69 -4.63 22.19
CA LEU F 58 0.48 -4.78 21.33
C LEU F 58 0.01 -4.73 19.89
N THR F 59 0.45 -3.70 19.16
CA THR F 59 0.06 -3.54 17.76
C THR F 59 1.25 -3.56 16.80
N THR F 60 2.33 -2.87 17.12
CA THR F 60 3.50 -2.85 16.25
C THR F 60 4.28 -4.17 16.37
N ALA F 61 4.96 -4.54 15.29
CA ALA F 61 5.76 -5.76 15.30
C ALA F 61 7.00 -5.54 16.16
N ASP F 62 7.18 -4.30 16.59
CA ASP F 62 8.31 -3.93 17.42
C ASP F 62 8.02 -4.30 18.87
N GLN F 63 6.85 -3.90 19.34
CA GLN F 63 6.43 -4.19 20.71
C GLN F 63 6.40 -5.69 20.94
N LEU F 64 5.70 -6.38 20.05
CA LEU F 64 5.56 -7.82 20.12
C LEU F 64 6.86 -8.56 20.35
N LYS F 65 7.86 -8.31 19.52
CA LYS F 65 9.14 -9.00 19.67
C LYS F 65 9.84 -8.72 21.00
N LYS F 66 9.32 -7.75 21.75
CA LYS F 66 9.91 -7.38 23.04
C LYS F 66 9.11 -7.91 24.23
N SER F 67 7.91 -8.41 23.96
CA SER F 67 7.05 -8.95 25.01
C SER F 67 7.41 -10.40 25.39
N ALA F 68 7.56 -10.66 26.69
CA ALA F 68 7.91 -11.99 27.14
C ALA F 68 6.75 -12.94 26.90
N ASP F 69 5.55 -12.39 26.86
CA ASP F 69 4.35 -13.19 26.64
C ASP F 69 4.30 -13.69 25.20
N VAL F 70 4.75 -12.86 24.27
CA VAL F 70 4.78 -13.25 22.88
C VAL F 70 5.83 -14.33 22.69
N ARG F 71 6.97 -14.14 23.33
CA ARG F 71 8.05 -15.11 23.21
C ARG F 71 7.69 -16.50 23.76
N TRP F 72 7.12 -16.55 24.96
CA TRP F 72 6.73 -17.82 25.60
C TRP F 72 5.74 -18.50 24.69
N HIS F 73 4.72 -17.71 24.34
N HIS F 73 4.71 -17.74 24.40
CA HIS F 73 3.61 -18.08 23.45
CA HIS F 73 3.68 -18.16 23.52
C HIS F 73 4.13 -18.62 22.07
C HIS F 73 4.32 -18.78 22.22
N ALA F 74 5.19 -18.01 21.54
CA ALA F 74 5.83 -18.44 20.29
C ALA F 74 6.76 -19.67 20.46
N GLU F 75 7.40 -19.76 21.63
CA GLU F 75 8.30 -20.86 21.93
C GLU F 75 7.55 -22.18 22.08
N ARG F 76 6.34 -22.11 22.63
CA ARG F 76 5.53 -23.30 22.79
C ARG F 76 5.05 -23.81 21.43
N ILE F 77 4.56 -22.91 20.58
CA ILE F 77 4.09 -23.33 19.25
C ILE F 77 5.20 -24.05 18.51
N ILE F 78 6.32 -23.36 18.35
CA ILE F 78 7.48 -23.87 17.66
C ILE F 78 7.94 -25.26 18.13
N ASN F 79 7.78 -25.54 19.43
CA ASN F 79 8.20 -26.84 19.98
C ASN F 79 7.17 -27.93 19.74
N ALA F 80 5.90 -27.54 19.65
CA ALA F 80 4.84 -28.49 19.42
C ALA F 80 5.11 -29.08 18.04
N VAL F 81 5.51 -28.21 17.12
CA VAL F 81 5.82 -28.63 15.77
C VAL F 81 7.07 -29.50 15.82
N ASN F 82 8.06 -29.08 16.59
CA ASN F 82 9.26 -29.87 16.71
C ASN F 82 8.96 -31.26 17.26
N ASP F 83 7.95 -31.36 18.14
CA ASP F 83 7.56 -32.64 18.70
C ASP F 83 7.01 -33.51 17.59
N ALA F 84 6.19 -32.93 16.72
CA ALA F 84 5.61 -33.66 15.61
C ALA F 84 6.72 -34.19 14.71
N VAL F 85 7.62 -33.30 14.30
CA VAL F 85 8.74 -33.67 13.43
C VAL F 85 9.48 -34.85 13.99
N ALA F 86 9.64 -34.86 15.31
CA ALA F 86 10.35 -35.94 15.98
C ALA F 86 9.54 -37.25 16.04
N SER F 87 8.23 -37.16 15.83
CA SER F 87 7.34 -38.34 15.87
C SER F 87 6.91 -38.79 14.49
N MET F 88 7.49 -38.25 13.43
CA MET F 88 7.10 -38.66 12.09
C MET F 88 7.14 -40.16 11.88
N ASP F 89 7.96 -40.85 12.67
CA ASP F 89 8.06 -42.30 12.54
C ASP F 89 7.05 -43.01 13.41
N ASP F 90 6.56 -42.33 14.44
CA ASP F 90 5.57 -42.90 15.32
C ASP F 90 4.30 -42.08 15.20
N THR F 91 3.57 -42.32 14.12
CA THR F 91 2.32 -41.63 13.85
C THR F 91 1.35 -41.75 15.05
N GLU F 92 1.48 -42.84 15.80
CA GLU F 92 0.63 -43.10 16.96
C GLU F 92 0.80 -42.01 18.02
N LYS F 93 2.06 -41.76 18.38
CA LYS F 93 2.41 -40.78 19.39
C LYS F 93 2.07 -39.39 18.92
N MET F 94 2.38 -39.10 17.67
CA MET F 94 2.09 -37.79 17.12
C MET F 94 0.61 -37.43 17.32
N SER F 95 -0.27 -38.41 17.11
CA SER F 95 -1.72 -38.19 17.27
C SER F 95 -2.11 -37.84 18.71
N MET F 96 -1.78 -38.70 19.65
CA MET F 96 -2.11 -38.46 21.04
C MET F 96 -1.76 -37.03 21.49
N LYS F 97 -0.53 -36.61 21.22
CA LYS F 97 -0.06 -35.28 21.59
C LYS F 97 -0.95 -34.19 20.99
N LEU F 98 -1.09 -34.18 19.67
CA LEU F 98 -1.91 -33.16 19.02
C LEU F 98 -3.40 -33.22 19.36
N ARG F 99 -3.96 -34.41 19.47
CA ARG F 99 -5.39 -34.53 19.80
C ARG F 99 -5.62 -33.88 21.16
N ASP F 100 -4.63 -33.99 22.04
CA ASP F 100 -4.70 -33.41 23.36
C ASP F 100 -4.65 -31.88 23.22
N LEU F 101 -3.74 -31.43 22.36
CA LEU F 101 -3.54 -30.03 22.09
C LEU F 101 -4.80 -29.44 21.43
N SER F 102 -5.47 -30.24 20.60
CA SER F 102 -6.69 -29.79 19.94
C SER F 102 -7.72 -29.47 21.01
N GLY F 103 -7.88 -30.38 21.95
CA GLY F 103 -8.82 -30.19 23.04
C GLY F 103 -8.60 -28.90 23.81
N LYS F 104 -7.35 -28.61 24.18
CA LYS F 104 -7.07 -27.39 24.90
C LYS F 104 -7.51 -26.14 24.12
N HIS F 105 -7.26 -26.13 22.81
CA HIS F 105 -7.64 -24.99 21.99
C HIS F 105 -9.13 -24.80 21.89
N ALA F 106 -9.86 -25.90 21.74
CA ALA F 106 -11.31 -25.81 21.61
C ALA F 106 -12.04 -25.53 22.93
N LYS F 107 -11.63 -26.21 23.99
CA LYS F 107 -12.31 -26.05 25.27
C LYS F 107 -11.84 -24.96 26.23
N SER F 108 -10.54 -24.70 26.25
CA SER F 108 -10.01 -23.71 27.17
C SER F 108 -9.69 -22.37 26.53
N PHE F 109 -8.98 -22.40 25.40
CA PHE F 109 -8.58 -21.19 24.70
C PHE F 109 -9.68 -20.67 23.80
N GLN F 110 -10.61 -21.53 23.42
CA GLN F 110 -11.73 -21.11 22.58
C GLN F 110 -11.31 -20.39 21.32
N VAL F 111 -10.30 -20.90 20.62
CA VAL F 111 -9.85 -20.24 19.42
C VAL F 111 -10.60 -20.76 18.20
N ASP F 112 -10.79 -19.88 17.22
CA ASP F 112 -11.47 -20.23 15.98
C ASP F 112 -10.53 -21.20 15.25
N PRO F 113 -11.04 -22.39 14.93
CA PRO F 113 -10.25 -23.42 14.25
C PRO F 113 -9.80 -23.10 12.82
N GLN F 114 -10.30 -22.00 12.28
CA GLN F 114 -9.93 -21.68 10.92
C GLN F 114 -8.52 -21.15 10.77
N TYR F 115 -7.93 -20.66 11.86
CA TYR F 115 -6.58 -20.11 11.76
C TYR F 115 -5.43 -21.10 11.89
N PHE F 116 -5.74 -22.34 12.25
CA PHE F 116 -4.69 -23.34 12.35
C PHE F 116 -3.95 -23.46 11.01
N LYS F 117 -4.66 -23.54 9.91
CA LYS F 117 -3.99 -23.66 8.63
C LYS F 117 -3.32 -22.36 8.20
N VAL F 118 -3.83 -21.21 8.66
CA VAL F 118 -3.24 -19.92 8.30
C VAL F 118 -1.87 -19.79 8.92
N LEU F 119 -1.77 -20.10 10.21
CA LEU F 119 -0.49 -20.04 10.91
C LEU F 119 0.43 -21.15 10.40
N ALA F 120 -0.16 -22.30 10.08
CA ALA F 120 0.62 -23.44 9.58
C ALA F 120 1.28 -23.07 8.28
N ALA F 121 0.62 -22.19 7.51
CA ALA F 121 1.13 -21.73 6.23
C ALA F 121 2.39 -20.87 6.40
N VAL F 122 2.40 -20.01 7.41
CA VAL F 122 3.54 -19.16 7.69
C VAL F 122 4.71 -20.00 8.15
N ILE F 123 4.45 -20.99 8.99
CA ILE F 123 5.51 -21.87 9.47
C ILE F 123 6.14 -22.59 8.26
N ALA F 124 5.30 -23.06 7.35
CA ALA F 124 5.79 -23.78 6.18
C ALA F 124 6.57 -22.85 5.26
N ASP F 125 6.00 -21.68 5.02
CA ASP F 125 6.63 -20.71 4.14
C ASP F 125 7.99 -20.27 4.66
N THR F 126 8.18 -20.35 5.98
CA THR F 126 9.43 -19.94 6.60
C THR F 126 10.45 -21.07 6.70
N VAL F 127 10.00 -22.27 7.06
CA VAL F 127 10.91 -23.39 7.21
C VAL F 127 11.34 -24.02 5.90
N ALA F 128 10.44 -24.05 4.93
CA ALA F 128 10.75 -24.66 3.66
C ALA F 128 9.74 -24.26 2.60
N ALA F 129 9.70 -22.96 2.31
CA ALA F 129 8.78 -22.45 1.32
C ALA F 129 8.84 -23.31 0.07
N GLY F 130 7.69 -23.86 -0.30
CA GLY F 130 7.64 -24.67 -1.50
C GLY F 130 7.60 -26.19 -1.35
N ASP F 131 8.24 -26.72 -0.33
CA ASP F 131 8.23 -28.17 -0.17
C ASP F 131 6.83 -28.70 0.10
N ALA F 132 6.41 -29.65 -0.74
CA ALA F 132 5.10 -30.25 -0.61
C ALA F 132 5.10 -31.28 0.52
N GLY F 133 6.25 -31.90 0.76
CA GLY F 133 6.36 -32.88 1.82
C GLY F 133 6.10 -32.22 3.16
N PHE F 134 6.67 -31.02 3.34
CA PHE F 134 6.49 -30.28 4.59
C PHE F 134 5.03 -29.80 4.71
N GLU F 135 4.39 -29.57 3.57
CA GLU F 135 2.99 -29.15 3.57
C GLU F 135 2.12 -30.28 4.09
N LYS F 136 2.54 -31.53 3.85
CA LYS F 136 1.76 -32.66 4.31
C LYS F 136 1.79 -32.67 5.82
N LEU F 137 2.99 -32.57 6.38
CA LEU F 137 3.13 -32.57 7.81
C LEU F 137 2.21 -31.52 8.40
N MET F 138 2.29 -30.28 7.92
CA MET F 138 1.44 -29.19 8.43
C MET F 138 -0.04 -29.53 8.29
N SER F 139 -0.40 -30.28 7.24
CA SER F 139 -1.79 -30.65 7.01
C SER F 139 -2.26 -31.66 8.04
N MET F 140 -1.39 -32.61 8.38
CA MET F 140 -1.70 -33.62 9.38
C MET F 140 -1.90 -32.91 10.70
N ILE F 141 -0.96 -32.03 11.03
CA ILE F 141 -1.04 -31.28 12.27
C ILE F 141 -2.35 -30.49 12.33
N CYS F 142 -2.69 -29.80 11.24
CA CYS F 142 -3.93 -29.03 11.23
C CYS F 142 -5.18 -29.91 11.32
N ILE F 143 -5.21 -31.00 10.57
CA ILE F 143 -6.35 -31.89 10.64
C ILE F 143 -6.55 -32.39 12.08
N LEU F 144 -5.44 -32.68 12.77
CA LEU F 144 -5.51 -33.18 14.14
C LEU F 144 -5.90 -32.10 15.15
N LEU F 145 -5.41 -30.87 14.94
CA LEU F 145 -5.74 -29.77 15.85
C LEU F 145 -7.21 -29.39 15.77
N ARG F 146 -7.90 -29.88 14.75
CA ARG F 146 -9.32 -29.60 14.60
C ARG F 146 -10.18 -30.76 15.06
N SER F 147 -9.54 -31.90 15.35
CA SER F 147 -10.26 -33.10 15.76
C SER F 147 -11.16 -32.91 16.97
N ALA F 148 -10.79 -32.01 17.87
CA ALA F 148 -11.59 -31.80 19.08
C ALA F 148 -12.78 -30.89 18.84
N TYR F 149 -12.74 -30.09 17.80
CA TYR F 149 -13.86 -29.21 17.51
C TYR F 149 -14.99 -30.02 16.89
#